data_7ZIU
#
_entry.id   7ZIU
#
_cell.length_a   64.285
_cell.length_b   79.793
_cell.length_c   133.255
_cell.angle_alpha   90.000
_cell.angle_beta   93.310
_cell.angle_gamma   90.000
#
_symmetry.space_group_name_H-M   'P 1 21 1'
#
loop_
_entity.id
_entity.type
_entity.pdbx_description
1 polymer 'Genome polyprotein'
2 non-polymer 'ZINC ION'
#
_entity_poly.entity_id   1
_entity_poly.type   'polypeptide(L)'
_entity_poly.pdbx_seq_one_letter_code
;TKKIKTNWKMVEDRVKKLADEFSTTWHYDSEHPYKTWNYHGSYEVKATGSASSMVNGVVRVLSKPWDTLQSVVNMAMTDT
TPFGQQRVFKEKVDTKAPEPPKGTAEVMRVTAKWMWKFVGRSKTPRVCTKEEFIAKVNSHAALGAIFKEQNRWASAREAV
EDPAFWEMVDREREAHLQGRCEMCTYNMMGKREKKMGEFGKAKGSRAIWYMWLGSRYLEFEALGFLNEDHWMSRENTLGG
VEGLGLQKLGYVLRDIAKNPGGLMYADDTAGWDTRITKADLENESIVLEMMTPEHRALAEPLIKFAYMNKVVKVMRPGAD
GITVMDVISREDQRGSGQVVTYALNTFTNLCVQLIRCMEGEGLLKPEEVEKLERGKQRKIQDWLDKNGTERLASMAVSGD
DCVVKPKDDRFATALHFLNSMSKIRKDIPEWKQSTGWRNWQDVPFCSHHFHELTMKDGRQIVVPCRHQDELIGRARLSPG
SGWSLTETACLSKAYGQMWLLMYFHRRDLRLMANAICSAVPVSWVPTGRTTWSIHGKGEWMTTEDMLRVWNRVWIEENEH
MEDKTPVSSWNDVPYLGKREDSWCGSLIGHRARSTWAENIYTPIMQIRGLIGPERYVDYMPTLNRFKAVESWSEGVL
;
_entity_poly.pdbx_strand_id   A,B
#
# COMPACT_ATOMS: atom_id res chain seq x y z
N THR A 6 -1.33 -17.35 -1.49
CA THR A 6 -2.26 -16.25 -1.24
C THR A 6 -1.53 -14.91 -1.16
N ASN A 7 -0.36 -14.84 -1.82
CA ASN A 7 0.40 -13.61 -1.92
C ASN A 7 0.17 -12.89 -3.25
N TRP A 8 -1.01 -13.08 -3.85
CA TRP A 8 -1.24 -12.60 -5.21
C TRP A 8 -1.15 -11.08 -5.29
N LYS A 9 -1.57 -10.37 -4.25
CA LYS A 9 -1.56 -8.91 -4.29
C LYS A 9 -0.15 -8.36 -4.43
N MET A 10 0.81 -8.95 -3.71
CA MET A 10 2.19 -8.47 -3.77
C MET A 10 2.80 -8.68 -5.15
N VAL A 11 2.54 -9.81 -5.78
CA VAL A 11 3.15 -10.16 -7.06
C VAL A 11 2.19 -9.94 -8.22
N GLU A 12 1.10 -9.20 -8.00
CA GLU A 12 0.09 -9.04 -9.03
C GLU A 12 0.61 -8.28 -10.25
N ASP A 13 1.26 -7.13 -10.02
CA ASP A 13 1.67 -6.28 -11.13
C ASP A 13 2.78 -6.93 -11.96
N ARG A 14 3.74 -7.59 -11.31
CA ARG A 14 4.87 -8.17 -12.03
C ARG A 14 4.42 -9.29 -12.97
N VAL A 15 3.51 -10.16 -12.51
CA VAL A 15 3.06 -11.27 -13.33
C VAL A 15 2.26 -10.77 -14.53
N LYS A 16 1.38 -9.79 -14.31
CA LYS A 16 0.54 -9.28 -15.41
C LYS A 16 1.40 -8.62 -16.48
N LYS A 17 2.45 -7.91 -16.09
CA LYS A 17 3.32 -7.29 -17.08
C LYS A 17 3.96 -8.35 -17.98
N LEU A 18 4.42 -9.45 -17.39
CA LEU A 18 4.93 -10.56 -18.18
C LEU A 18 3.83 -11.20 -19.02
N ALA A 19 2.65 -11.41 -18.41
CA ALA A 19 1.55 -12.03 -19.14
C ALA A 19 1.09 -11.16 -20.31
N ASP A 20 1.02 -9.85 -20.10
CA ASP A 20 0.58 -8.95 -21.18
C ASP A 20 1.62 -8.88 -22.28
N GLU A 21 2.91 -8.78 -21.92
CA GLU A 21 3.96 -8.62 -22.92
C GLU A 21 4.06 -9.85 -23.82
N PHE A 22 3.97 -11.04 -23.24
CA PHE A 22 4.03 -12.30 -23.98
C PHE A 22 2.67 -12.94 -24.12
N SER A 23 1.62 -12.12 -24.28
CA SER A 23 0.25 -12.65 -24.31
C SER A 23 0.01 -13.51 -25.55
N THR A 24 0.71 -13.26 -26.64
CA THR A 24 0.53 -14.05 -27.86
C THR A 24 0.87 -15.52 -27.64
N THR A 25 1.69 -15.83 -26.63
CA THR A 25 2.04 -17.20 -26.30
C THR A 25 1.76 -17.56 -24.84
N TRP A 26 1.29 -16.60 -24.04
CA TRP A 26 1.03 -16.86 -22.63
C TRP A 26 -0.09 -17.88 -22.46
N HIS A 27 0.11 -18.83 -21.56
CA HIS A 27 -0.87 -19.89 -21.31
C HIS A 27 -0.61 -20.47 -19.93
N TYR A 28 -1.38 -21.50 -19.59
CA TYR A 28 -1.28 -22.17 -18.30
C TYR A 28 -0.95 -23.64 -18.53
N ASP A 29 0.06 -24.14 -17.83
CA ASP A 29 0.49 -25.53 -17.92
C ASP A 29 0.14 -26.23 -16.61
N SER A 30 -0.83 -27.14 -16.67
CA SER A 30 -1.26 -27.87 -15.48
C SER A 30 -0.28 -28.95 -15.06
N GLU A 31 0.72 -29.28 -15.89
CA GLU A 31 1.69 -30.32 -15.60
C GLU A 31 3.01 -29.76 -15.07
N HIS A 32 3.00 -28.53 -14.56
CA HIS A 32 4.22 -27.93 -14.05
C HIS A 32 4.70 -28.70 -12.81
N PRO A 33 6.01 -28.83 -12.63
CA PRO A 33 6.54 -29.60 -11.49
C PRO A 33 6.82 -28.80 -10.23
N TYR A 34 6.45 -27.52 -10.18
CA TYR A 34 6.76 -26.70 -9.03
C TYR A 34 5.91 -27.10 -7.83
N LYS A 35 6.54 -27.22 -6.67
CA LYS A 35 5.87 -27.66 -5.45
C LYS A 35 5.79 -26.57 -4.40
N THR A 36 6.92 -25.99 -4.00
CA THR A 36 6.93 -24.92 -3.01
C THR A 36 6.72 -23.54 -3.62
N TRP A 37 6.69 -23.44 -4.95
CA TRP A 37 6.40 -22.20 -5.65
C TRP A 37 5.01 -22.30 -6.27
N ASN A 38 4.23 -21.22 -6.14
CA ASN A 38 2.95 -21.17 -6.82
C ASN A 38 3.16 -20.70 -8.26
N TYR A 39 2.54 -21.42 -9.20
CA TYR A 39 2.79 -21.22 -10.62
C TYR A 39 1.68 -20.36 -11.24
N HIS A 40 2.06 -19.38 -12.03
CA HIS A 40 1.12 -18.44 -12.64
C HIS A 40 0.81 -18.79 -14.09
N GLY A 41 1.84 -18.85 -14.94
CA GLY A 41 1.62 -19.13 -16.35
C GLY A 41 2.94 -19.36 -17.05
N SER A 42 2.83 -19.68 -18.35
CA SER A 42 3.99 -20.03 -19.16
C SER A 42 3.86 -19.44 -20.55
N TYR A 43 4.99 -19.00 -21.10
CA TYR A 43 5.05 -18.51 -22.48
C TYR A 43 6.31 -19.06 -23.15
N GLU A 44 6.24 -19.20 -24.47
CA GLU A 44 7.33 -19.81 -25.22
C GLU A 44 8.49 -18.86 -25.39
N VAL A 45 9.71 -19.41 -25.32
CA VAL A 45 10.94 -18.68 -25.59
C VAL A 45 11.90 -19.58 -26.35
N LYS A 46 12.88 -18.96 -27.00
CA LYS A 46 13.95 -19.70 -27.65
C LYS A 46 14.93 -20.24 -26.62
N ALA A 47 15.52 -21.39 -26.93
CA ALA A 47 16.51 -21.98 -26.05
C ALA A 47 17.74 -21.08 -25.95
N THR A 48 18.22 -20.88 -24.73
CA THR A 48 19.36 -20.01 -24.47
C THR A 48 20.41 -20.77 -23.68
N GLY A 49 21.67 -20.54 -24.02
CA GLY A 49 22.77 -21.19 -23.33
C GLY A 49 23.08 -22.57 -23.89
N SER A 50 23.99 -23.25 -23.19
CA SER A 50 24.44 -24.58 -23.59
C SER A 50 25.11 -25.24 -22.40
N ALA A 51 25.47 -26.51 -22.59
CA ALA A 51 26.21 -27.28 -21.59
C ALA A 51 27.61 -27.64 -22.06
N SER A 52 28.12 -26.95 -23.09
CA SER A 52 29.42 -27.27 -23.67
C SER A 52 30.52 -26.60 -22.87
N SER A 53 31.42 -27.39 -22.30
CA SER A 53 32.59 -26.90 -21.58
C SER A 53 33.82 -27.27 -22.39
N MET A 54 34.44 -26.27 -23.03
CA MET A 54 35.56 -26.50 -23.91
C MET A 54 36.84 -26.72 -23.10
N VAL A 55 37.73 -27.55 -23.64
CA VAL A 55 39.01 -27.86 -23.03
C VAL A 55 40.03 -26.79 -23.45
N ASN A 56 40.88 -26.39 -22.50
CA ASN A 56 41.90 -25.38 -22.76
C ASN A 56 43.11 -26.08 -23.39
N GLY A 57 43.34 -25.83 -24.69
CA GLY A 57 44.45 -26.46 -25.37
C GLY A 57 45.80 -26.07 -24.80
N VAL A 58 45.94 -24.80 -24.41
CA VAL A 58 47.22 -24.34 -23.85
C VAL A 58 47.52 -25.07 -22.55
N VAL A 59 46.55 -25.13 -21.65
CA VAL A 59 46.76 -25.84 -20.39
C VAL A 59 46.87 -27.34 -20.62
N ARG A 60 46.12 -27.87 -21.59
CA ARG A 60 46.13 -29.31 -21.85
C ARG A 60 47.52 -29.80 -22.22
N VAL A 61 48.17 -29.13 -23.18
CA VAL A 61 49.46 -29.62 -23.66
C VAL A 61 50.57 -29.40 -22.64
N LEU A 62 50.39 -28.47 -21.71
CA LEU A 62 51.38 -28.19 -20.68
C LEU A 62 51.15 -28.98 -19.40
N SER A 63 50.11 -29.80 -19.35
CA SER A 63 49.77 -30.61 -18.18
C SER A 63 49.45 -32.03 -18.59
N LYS A 64 50.32 -32.61 -19.43
CA LYS A 64 50.11 -33.97 -19.91
C LYS A 64 49.94 -35.01 -18.80
N PRO A 65 50.74 -35.02 -17.72
CA PRO A 65 50.53 -36.03 -16.67
C PRO A 65 49.16 -35.96 -16.01
N TRP A 66 48.46 -34.84 -16.10
CA TRP A 66 47.15 -34.69 -15.51
C TRP A 66 46.02 -34.94 -16.51
N ASP A 67 46.31 -35.66 -17.60
CA ASP A 67 45.26 -36.05 -18.53
C ASP A 67 44.26 -37.01 -17.87
N THR A 68 44.71 -37.76 -16.86
CA THR A 68 43.79 -38.62 -16.12
C THR A 68 42.72 -37.80 -15.42
N LEU A 69 43.10 -36.64 -14.89
CA LEU A 69 42.17 -35.71 -14.27
C LEU A 69 41.06 -35.31 -15.25
N ALA A 76 28.53 -30.50 -17.99
CA ALA A 76 28.58 -31.12 -16.67
C ALA A 76 29.08 -30.14 -15.62
N MET A 77 29.31 -28.90 -16.05
CA MET A 77 29.93 -27.88 -15.20
C MET A 77 29.04 -26.67 -14.99
N THR A 78 28.53 -26.08 -16.06
CA THR A 78 27.71 -24.87 -16.00
C THR A 78 26.60 -25.00 -17.03
N ASP A 79 25.38 -25.28 -16.57
CA ASP A 79 24.27 -25.64 -17.45
C ASP A 79 23.27 -24.50 -17.51
N THR A 80 23.35 -23.70 -18.57
CA THR A 80 22.32 -22.72 -18.92
C THR A 80 21.24 -23.32 -19.82
N THR A 81 21.38 -24.59 -20.17
CA THR A 81 20.38 -25.28 -20.97
C THR A 81 19.05 -25.27 -20.24
N PRO A 82 17.92 -25.16 -20.96
CA PRO A 82 16.61 -25.26 -20.27
C PRO A 82 16.45 -26.53 -19.47
N PHE A 83 17.05 -27.64 -19.93
CA PHE A 83 17.08 -28.84 -19.10
C PHE A 83 17.92 -28.61 -17.84
N GLY A 84 19.03 -27.88 -17.97
CA GLY A 84 19.88 -27.62 -16.81
C GLY A 84 19.21 -26.74 -15.78
N GLN A 85 18.48 -25.70 -16.24
CA GLN A 85 17.81 -24.81 -15.29
C GLN A 85 16.76 -25.56 -14.47
N GLN A 86 16.04 -26.49 -15.11
CA GLN A 86 14.99 -27.21 -14.41
C GLN A 86 15.57 -28.22 -13.42
N ARG A 87 16.69 -28.85 -13.78
CA ARG A 87 17.27 -29.88 -12.91
C ARG A 87 17.69 -29.30 -11.58
N VAL A 88 18.42 -28.18 -11.60
CA VAL A 88 18.87 -27.56 -10.35
C VAL A 88 17.68 -27.03 -9.57
N PHE A 89 16.66 -26.52 -10.27
CA PHE A 89 15.47 -26.05 -9.58
C PHE A 89 14.75 -27.19 -8.87
N LYS A 90 14.65 -28.35 -9.54
CA LYS A 90 13.93 -29.48 -8.95
C LYS A 90 14.67 -30.05 -7.75
N GLU A 91 16.00 -30.01 -7.75
CA GLU A 91 16.79 -30.65 -6.70
C GLU A 91 17.19 -29.72 -5.57
N LYS A 92 17.45 -28.44 -5.86
CA LYS A 92 17.94 -27.52 -4.85
C LYS A 92 17.04 -26.32 -4.61
N VAL A 93 16.62 -25.64 -5.67
CA VAL A 93 15.93 -24.36 -5.50
C VAL A 93 14.53 -24.55 -4.94
N ASP A 94 13.79 -25.53 -5.47
CA ASP A 94 12.37 -25.72 -5.12
C ASP A 94 12.29 -26.47 -3.78
N THR A 95 12.53 -25.72 -2.71
CA THR A 95 12.44 -26.26 -1.36
C THR A 95 12.08 -25.14 -0.40
N LYS A 96 11.55 -25.52 0.76
CA LYS A 96 11.17 -24.57 1.80
C LYS A 96 11.86 -24.98 3.10
N ALA A 97 12.70 -24.10 3.62
CA ALA A 97 13.34 -24.34 4.91
C ALA A 97 12.33 -24.12 6.02
N PRO A 98 12.25 -25.01 7.02
CA PRO A 98 11.30 -24.81 8.12
C PRO A 98 11.58 -23.50 8.85
N GLU A 99 10.50 -22.79 9.15
CA GLU A 99 10.64 -21.55 9.90
C GLU A 99 11.01 -21.84 11.35
N PRO A 100 11.74 -20.93 12.01
CA PRO A 100 12.16 -21.19 13.38
C PRO A 100 10.96 -21.19 14.32
N PRO A 101 11.00 -21.97 15.40
CA PRO A 101 9.92 -21.95 16.38
C PRO A 101 9.89 -20.64 17.16
N LYS A 102 8.93 -20.51 18.08
CA LYS A 102 8.75 -19.25 18.79
C LYS A 102 9.97 -18.91 19.64
N GLY A 103 10.44 -19.88 20.44
CA GLY A 103 11.57 -19.61 21.32
C GLY A 103 12.84 -19.28 20.56
N THR A 104 13.09 -20.01 19.47
CA THR A 104 14.28 -19.73 18.65
C THR A 104 14.18 -18.36 17.99
N ALA A 105 12.98 -17.97 17.56
CA ALA A 105 12.81 -16.70 16.86
C ALA A 105 13.19 -15.52 17.74
N GLU A 106 12.83 -15.56 19.02
CA GLU A 106 13.21 -14.48 19.92
C GLU A 106 14.72 -14.38 20.05
N VAL A 107 15.41 -15.52 20.13
CA VAL A 107 16.87 -15.50 20.21
C VAL A 107 17.46 -14.87 18.95
N MET A 108 16.94 -15.24 17.79
CA MET A 108 17.40 -14.63 16.54
C MET A 108 17.10 -13.14 16.51
N ARG A 109 15.91 -12.74 16.96
CA ARG A 109 15.53 -11.33 16.92
C ARG A 109 16.40 -10.49 17.85
N VAL A 110 16.69 -11.01 19.05
CA VAL A 110 17.54 -10.27 19.98
C VAL A 110 18.96 -10.15 19.42
N THR A 111 19.49 -11.24 18.87
CA THR A 111 20.84 -11.21 18.30
C THR A 111 20.93 -10.25 17.13
N ALA A 112 19.93 -10.24 16.25
CA ALA A 112 19.94 -9.35 15.10
C ALA A 112 19.91 -7.89 15.52
N LYS A 113 19.10 -7.55 16.52
CA LYS A 113 19.05 -6.17 17.00
C LYS A 113 20.40 -5.76 17.59
N TRP A 114 21.02 -6.63 18.38
CA TRP A 114 22.32 -6.31 18.96
C TRP A 114 23.38 -6.14 17.87
N MET A 115 23.37 -7.03 16.87
CA MET A 115 24.38 -6.96 15.81
C MET A 115 24.19 -5.70 14.96
N TRP A 116 22.94 -5.35 14.63
CA TRP A 116 22.71 -4.17 13.82
C TRP A 116 23.17 -2.91 14.53
N LYS A 117 22.91 -2.82 15.84
CA LYS A 117 23.42 -1.69 16.61
C LYS A 117 24.94 -1.73 16.69
N PHE A 118 25.52 -2.93 16.75
CA PHE A 118 26.98 -3.05 16.83
C PHE A 118 27.65 -2.65 15.51
N VAL A 119 27.13 -3.16 14.39
CA VAL A 119 27.74 -2.88 13.10
C VAL A 119 27.47 -1.46 12.62
N GLY A 120 26.54 -0.75 13.25
CA GLY A 120 26.26 0.63 12.88
C GLY A 120 26.79 1.63 13.88
N ARG A 121 27.77 1.21 14.70
CA ARG A 121 28.30 2.10 15.74
C ARG A 121 28.96 3.34 15.13
N SER A 122 29.72 3.15 14.05
CA SER A 122 30.41 4.26 13.39
C SER A 122 29.87 4.59 12.02
N LYS A 123 29.28 3.62 11.33
CA LYS A 123 28.79 3.82 9.96
C LYS A 123 27.28 4.02 9.99
N THR A 124 26.81 4.98 9.19
CA THR A 124 25.38 5.26 9.07
C THR A 124 24.90 4.96 7.66
N PRO A 125 23.70 4.42 7.51
CA PRO A 125 23.20 4.08 6.17
C PRO A 125 23.05 5.31 5.30
N ARG A 126 23.18 5.12 3.99
CA ARG A 126 23.09 6.20 3.03
C ARG A 126 22.54 5.68 1.71
N VAL A 127 22.09 6.60 0.87
CA VAL A 127 21.56 6.26 -0.44
C VAL A 127 22.70 6.31 -1.46
N CYS A 128 22.83 5.27 -2.26
CA CYS A 128 23.86 5.21 -3.30
C CYS A 128 23.35 5.88 -4.57
N THR A 129 24.19 6.71 -5.17
CA THR A 129 23.82 7.51 -6.33
C THR A 129 24.03 6.72 -7.62
N LYS A 130 23.48 7.24 -8.72
CA LYS A 130 23.66 6.61 -10.01
C LYS A 130 25.09 6.78 -10.51
N GLU A 131 25.77 7.85 -10.10
CA GLU A 131 27.16 8.04 -10.49
C GLU A 131 28.03 6.91 -9.97
N GLU A 132 27.80 6.48 -8.72
CA GLU A 132 28.49 5.31 -8.21
C GLU A 132 28.15 4.06 -9.01
N PHE A 133 26.86 3.91 -9.37
CA PHE A 133 26.45 2.77 -10.18
C PHE A 133 27.08 2.82 -11.57
N ILE A 134 27.16 4.02 -12.15
CA ILE A 134 27.82 4.17 -13.46
C ILE A 134 29.30 3.84 -13.34
N ALA A 135 29.91 4.15 -12.20
CA ALA A 135 31.32 3.80 -11.99
C ALA A 135 31.52 2.30 -12.00
N LYS A 136 30.57 1.55 -11.43
CA LYS A 136 30.75 0.10 -11.31
C LYS A 136 30.59 -0.60 -12.66
N VAL A 137 29.61 -0.18 -13.47
CA VAL A 137 29.38 -0.85 -14.75
C VAL A 137 30.55 -0.60 -15.69
N ASN A 138 31.07 0.63 -15.72
CA ASN A 138 32.25 0.92 -16.54
C ASN A 138 33.49 0.22 -16.05
N SER A 139 33.55 -0.13 -14.76
CA SER A 139 34.69 -0.80 -14.16
C SER A 139 34.28 -2.24 -13.85
N HIS A 140 34.47 -3.11 -14.84
CA HIS A 140 34.11 -4.54 -14.75
C HIS A 140 32.75 -4.77 -14.09
N GLN A 150 19.80 -7.66 -21.08
CA GLN A 150 19.66 -6.70 -22.17
C GLN A 150 18.73 -7.22 -23.26
N ASN A 151 17.66 -6.48 -23.55
CA ASN A 151 16.74 -6.80 -24.63
C ASN A 151 16.81 -5.77 -25.76
N ARG A 152 16.55 -4.50 -25.45
CA ARG A 152 16.66 -3.45 -26.47
C ARG A 152 18.10 -2.97 -26.60
N TRP A 153 18.71 -2.59 -25.49
CA TRP A 153 20.14 -2.35 -25.48
C TRP A 153 20.89 -3.67 -25.63
N ALA A 154 22.17 -3.57 -26.00
CA ALA A 154 23.02 -4.76 -26.15
C ALA A 154 24.26 -4.69 -25.28
N SER A 155 24.32 -3.75 -24.33
CA SER A 155 25.47 -3.61 -23.46
C SER A 155 25.05 -2.92 -22.17
N ALA A 156 25.73 -3.27 -21.08
CA ALA A 156 25.44 -2.61 -19.80
C ALA A 156 25.95 -1.17 -19.80
N ARG A 157 27.13 -0.93 -20.35
CA ARG A 157 27.67 0.42 -20.43
C ARG A 157 26.85 1.28 -21.38
N GLU A 158 26.38 0.70 -22.48
CA GLU A 158 25.54 1.44 -23.42
C GLU A 158 24.21 1.84 -22.77
N ALA A 159 23.68 0.99 -21.88
CA ALA A 159 22.40 1.28 -21.26
C ALA A 159 22.48 2.49 -20.34
N VAL A 160 23.49 2.53 -19.46
CA VAL A 160 23.59 3.61 -18.48
C VAL A 160 23.88 4.95 -19.16
N GLU A 161 24.38 4.94 -20.39
CA GLU A 161 24.60 6.16 -21.15
C GLU A 161 23.36 6.64 -21.87
N ASP A 162 22.26 5.89 -21.81
CA ASP A 162 21.02 6.26 -22.50
C ASP A 162 20.08 6.94 -21.52
N PRO A 163 19.69 8.19 -21.76
CA PRO A 163 18.70 8.82 -20.87
C PRO A 163 17.37 8.08 -20.82
N ALA A 164 17.01 7.36 -21.88
CA ALA A 164 15.78 6.59 -21.86
C ALA A 164 15.84 5.47 -20.82
N PHE A 165 17.03 4.90 -20.59
CA PHE A 165 17.18 3.87 -19.58
C PHE A 165 16.86 4.41 -18.18
N TRP A 166 17.33 5.62 -17.87
CA TRP A 166 17.09 6.18 -16.54
C TRP A 166 15.63 6.51 -16.32
N GLU A 167 14.88 6.79 -17.40
CA GLU A 167 13.43 6.97 -17.25
C GLU A 167 12.77 5.69 -16.76
N MET A 168 13.18 4.55 -17.30
CA MET A 168 12.66 3.27 -16.81
C MET A 168 12.99 3.09 -15.34
N VAL A 169 14.19 3.49 -14.92
CA VAL A 169 14.55 3.46 -13.51
C VAL A 169 13.65 4.38 -12.72
N ASP A 170 13.43 5.60 -13.22
CA ASP A 170 12.64 6.57 -12.48
C ASP A 170 11.20 6.11 -12.30
N ARG A 171 10.58 5.64 -13.39
CA ARG A 171 9.18 5.22 -13.30
C ARG A 171 9.02 4.03 -12.36
N GLU A 172 9.96 3.09 -12.40
CA GLU A 172 9.92 1.97 -11.46
C GLU A 172 10.24 2.43 -10.04
N ARG A 173 11.14 3.41 -9.90
CA ARG A 173 11.39 3.98 -8.57
C ARG A 173 10.15 4.71 -8.06
N GLU A 174 9.44 5.40 -8.94
CA GLU A 174 8.20 6.06 -8.55
C GLU A 174 7.17 5.03 -8.07
N ALA A 175 7.11 3.87 -8.74
CA ALA A 175 6.17 2.84 -8.33
C ALA A 175 6.48 2.34 -6.91
N HIS A 176 7.76 2.19 -6.59
CA HIS A 176 8.13 1.76 -5.23
C HIS A 176 7.66 2.76 -4.19
N LEU A 177 7.84 4.06 -4.46
CA LEU A 177 7.36 5.09 -3.55
C LEU A 177 5.85 5.09 -3.44
N GLN A 178 5.14 4.55 -4.44
CA GLN A 178 3.69 4.42 -4.42
C GLN A 178 3.22 3.07 -3.89
N GLY A 179 4.14 2.24 -3.41
CA GLY A 179 3.77 0.93 -2.92
C GLY A 179 3.49 -0.09 -4.00
N ARG A 180 4.15 0.01 -5.15
CA ARG A 180 3.94 -0.91 -6.26
C ARG A 180 5.29 -1.34 -6.83
N CYS A 181 5.27 -2.47 -7.53
CA CYS A 181 6.46 -3.00 -8.19
C CYS A 181 6.03 -3.74 -9.45
N GLU A 182 6.72 -3.47 -10.56
CA GLU A 182 6.33 -4.03 -11.85
C GLU A 182 7.42 -4.84 -12.53
N MET A 183 8.69 -4.41 -12.41
CA MET A 183 9.75 -5.01 -13.21
C MET A 183 10.79 -5.76 -12.39
N CYS A 184 10.71 -5.72 -11.05
CA CYS A 184 11.71 -6.37 -10.20
C CYS A 184 11.45 -7.88 -10.16
N THR A 185 11.73 -8.52 -11.30
CA THR A 185 11.57 -9.96 -11.47
C THR A 185 12.93 -10.60 -11.70
N TYR A 186 13.15 -11.74 -11.05
CA TYR A 186 14.39 -12.49 -11.19
C TYR A 186 14.33 -13.43 -12.39
N ASN A 187 15.50 -13.70 -12.96
CA ASN A 187 15.66 -14.69 -14.01
C ASN A 187 16.55 -15.82 -13.52
N MET A 188 16.07 -17.06 -13.63
CA MET A 188 16.84 -18.23 -13.26
C MET A 188 17.65 -18.67 -14.48
N MET A 189 18.90 -18.21 -14.55
CA MET A 189 19.71 -18.45 -15.74
C MET A 189 20.19 -19.90 -15.82
N GLY A 190 20.57 -20.48 -14.69
CA GLY A 190 21.03 -21.86 -14.74
C GLY A 190 21.95 -22.17 -13.57
N LYS A 191 22.90 -23.08 -13.82
CA LYS A 191 23.77 -23.62 -12.79
C LYS A 191 25.21 -23.20 -13.02
N ARG A 192 25.90 -22.91 -11.92
CA ARG A 192 27.34 -22.69 -11.92
C ARG A 192 27.92 -23.43 -10.73
N GLU A 193 28.81 -24.38 -10.97
CA GLU A 193 29.28 -25.24 -9.89
C GLU A 193 29.96 -24.40 -8.80
N LYS A 194 29.61 -24.71 -7.55
CA LYS A 194 30.07 -23.89 -6.42
C LYS A 194 31.53 -24.12 -6.10
N LYS A 195 31.98 -25.37 -6.14
CA LYS A 195 33.33 -25.72 -5.72
C LYS A 195 34.01 -26.58 -6.77
N MET A 196 35.34 -26.55 -6.74
CA MET A 196 36.18 -27.46 -7.52
C MET A 196 36.67 -28.53 -6.56
N GLY A 197 36.08 -29.72 -6.62
CA GLY A 197 36.26 -30.70 -5.57
C GLY A 197 37.19 -31.85 -5.87
N GLU A 198 36.62 -33.01 -6.19
CA GLU A 198 37.42 -34.23 -6.34
C GLU A 198 38.49 -34.06 -7.42
N PHE A 199 38.08 -33.63 -8.61
CA PHE A 199 38.99 -33.22 -9.67
C PHE A 199 38.16 -32.63 -10.80
N GLY A 200 38.82 -31.85 -11.66
CA GLY A 200 38.17 -31.32 -12.84
C GLY A 200 37.24 -30.15 -12.61
N LYS A 201 37.22 -29.59 -11.40
CA LYS A 201 36.38 -28.44 -11.08
C LYS A 201 34.89 -28.75 -11.29
N ALA A 202 34.42 -29.76 -10.56
CA ALA A 202 33.02 -30.19 -10.65
C ALA A 202 32.52 -30.52 -9.25
N LYS A 203 31.79 -29.58 -8.64
CA LYS A 203 31.18 -29.78 -7.34
C LYS A 203 30.20 -28.66 -7.07
N GLY A 204 29.07 -28.99 -6.44
CA GLY A 204 28.07 -28.00 -6.10
C GLY A 204 27.07 -27.75 -7.19
N SER A 205 25.81 -27.55 -6.80
CA SER A 205 24.72 -27.26 -7.74
C SER A 205 24.20 -25.84 -7.53
N ARG A 206 25.11 -24.90 -7.33
CA ARG A 206 24.74 -23.52 -7.05
C ARG A 206 23.90 -22.93 -8.17
N ALA A 207 22.86 -22.20 -7.79
CA ALA A 207 21.97 -21.53 -8.73
C ALA A 207 22.38 -20.09 -8.89
N ILE A 208 22.47 -19.63 -10.15
CA ILE A 208 22.82 -18.26 -10.46
C ILE A 208 21.57 -17.54 -10.92
N TRP A 209 21.36 -16.32 -10.42
CA TRP A 209 20.16 -15.55 -10.68
C TRP A 209 20.54 -14.21 -11.28
N TYR A 210 19.80 -13.80 -12.31
CA TYR A 210 19.99 -12.51 -12.95
C TYR A 210 18.71 -11.68 -12.83
N MET A 211 18.89 -10.36 -12.80
CA MET A 211 17.78 -9.44 -12.67
C MET A 211 18.02 -8.25 -13.58
N TRP A 212 16.94 -7.55 -13.93
CA TRP A 212 17.03 -6.42 -14.85
C TRP A 212 17.96 -5.35 -14.30
N LEU A 213 18.69 -4.70 -15.22
CA LEU A 213 19.70 -3.72 -14.83
C LEU A 213 19.07 -2.56 -14.05
N GLY A 214 17.88 -2.11 -14.48
CA GLY A 214 17.20 -1.07 -13.73
C GLY A 214 16.90 -1.47 -12.31
N SER A 215 16.47 -2.72 -12.11
CA SER A 215 16.27 -3.22 -10.75
C SER A 215 17.60 -3.35 -10.01
N ARG A 216 18.69 -3.63 -10.72
CA ARG A 216 19.99 -3.73 -10.08
C ARG A 216 20.41 -2.40 -9.47
N TYR A 217 20.17 -1.29 -10.18
CA TYR A 217 20.50 0.01 -9.62
C TYR A 217 19.60 0.37 -8.44
N LEU A 218 18.29 0.13 -8.58
CA LEU A 218 17.37 0.43 -7.50
C LEU A 218 17.76 -0.33 -6.23
N GLU A 219 18.15 -1.60 -6.39
CA GLU A 219 18.69 -2.34 -5.26
C GLU A 219 20.00 -1.73 -4.78
N PHE A 220 20.87 -1.36 -5.72
CA PHE A 220 22.12 -0.71 -5.37
C PHE A 220 21.87 0.65 -4.73
N GLU A 221 20.87 1.38 -5.24
CA GLU A 221 20.54 2.69 -4.67
C GLU A 221 20.09 2.57 -3.23
N ALA A 222 19.28 1.56 -2.92
CA ALA A 222 18.69 1.44 -1.60
C ALA A 222 19.54 0.67 -0.60
N LEU A 223 20.30 -0.33 -1.06
CA LEU A 223 21.04 -1.20 -0.14
C LEU A 223 22.52 -1.30 -0.49
N GLY A 224 23.00 -0.53 -1.45
CA GLY A 224 24.40 -0.63 -1.85
C GLY A 224 25.38 -0.19 -0.77
N PHE A 225 24.93 0.60 0.21
CA PHE A 225 25.83 1.07 1.25
C PHE A 225 26.42 -0.08 2.06
N LEU A 226 25.77 -1.24 2.08
CA LEU A 226 26.33 -2.40 2.80
C LEU A 226 27.66 -2.83 2.19
N ASN A 227 27.78 -2.72 0.87
CA ASN A 227 29.01 -3.12 0.18
C ASN A 227 29.97 -1.96 -0.01
N GLU A 228 29.46 -0.82 -0.50
CA GLU A 228 30.33 0.31 -0.82
C GLU A 228 31.00 0.89 0.42
N ASP A 229 30.33 0.84 1.56
CA ASP A 229 30.88 1.35 2.81
C ASP A 229 31.46 0.25 3.69
N HIS A 230 31.53 -0.98 3.19
CA HIS A 230 32.22 -2.09 3.85
C HIS A 230 31.68 -2.31 5.28
N TRP A 231 30.37 -2.55 5.36
CA TRP A 231 29.76 -2.80 6.66
C TRP A 231 30.19 -4.13 7.26
N MET A 232 30.63 -5.09 6.45
CA MET A 232 31.01 -6.41 6.93
C MET A 232 32.53 -6.56 7.09
N SER A 233 33.28 -5.47 6.97
CA SER A 233 34.73 -5.54 7.09
C SER A 233 35.14 -5.99 8.49
N ARG A 234 36.36 -6.51 8.59
CA ARG A 234 36.83 -7.08 9.85
C ARG A 234 36.99 -6.00 10.92
N GLU A 235 37.36 -4.78 10.53
CA GLU A 235 37.44 -3.70 11.51
C GLU A 235 36.06 -3.22 11.97
N ASN A 236 34.99 -3.64 11.30
CA ASN A 236 33.64 -3.24 11.66
C ASN A 236 32.88 -4.33 12.43
N THR A 237 32.89 -5.56 11.92
CA THR A 237 32.16 -6.66 12.55
C THR A 237 33.01 -7.48 13.49
N LEU A 238 34.34 -7.43 13.36
CA LEU A 238 35.31 -8.20 14.13
C LEU A 238 35.26 -9.69 13.85
N GLY A 239 34.33 -10.14 13.01
CA GLY A 239 34.23 -11.55 12.66
C GLY A 239 34.18 -11.75 11.16
N GLY A 240 33.83 -10.69 10.43
CA GLY A 240 33.82 -10.77 8.99
C GLY A 240 35.20 -10.62 8.39
N VAL A 241 35.32 -10.99 7.12
CA VAL A 241 36.58 -10.87 6.39
C VAL A 241 36.33 -10.19 5.05
N GLU A 242 35.26 -9.41 4.97
CA GLU A 242 34.92 -8.73 3.72
C GLU A 242 36.03 -7.76 3.32
N GLY A 243 36.34 -7.74 2.03
CA GLY A 243 37.37 -6.87 1.51
C GLY A 243 38.78 -7.38 1.67
N LEU A 244 38.97 -8.56 2.26
CA LEU A 244 40.28 -9.15 2.44
C LEU A 244 40.54 -10.18 1.35
N GLY A 245 41.69 -10.07 0.69
CA GLY A 245 42.07 -11.04 -0.29
C GLY A 245 42.47 -12.37 0.34
N LEU A 246 42.66 -13.36 -0.52
CA LEU A 246 43.00 -14.70 -0.03
C LEU A 246 44.32 -14.70 0.74
N GLN A 247 45.22 -13.76 0.43
CA GLN A 247 46.50 -13.69 1.13
C GLN A 247 46.31 -13.30 2.60
N LYS A 248 45.36 -12.40 2.87
CA LYS A 248 45.14 -11.94 4.23
C LYS A 248 44.47 -12.99 5.11
N LEU A 249 43.74 -13.93 4.50
CA LEU A 249 42.92 -14.87 5.27
C LEU A 249 43.76 -15.81 6.12
N GLY A 250 44.96 -16.19 5.65
CA GLY A 250 45.76 -17.13 6.39
C GLY A 250 46.19 -16.59 7.75
N TYR A 251 46.64 -15.35 7.80
CA TYR A 251 47.06 -14.75 9.06
C TYR A 251 45.89 -14.59 10.03
N VAL A 252 44.68 -14.42 9.50
CA VAL A 252 43.50 -14.28 10.35
C VAL A 252 43.28 -15.54 11.18
N LEU A 253 43.38 -16.71 10.54
CA LEU A 253 43.19 -17.96 11.28
C LEU A 253 44.26 -18.14 12.35
N ARG A 254 45.51 -17.78 12.03
CA ARG A 254 46.58 -17.91 13.02
C ARG A 254 46.35 -16.97 14.20
N ASP A 255 45.82 -15.77 13.93
CA ASP A 255 45.55 -14.83 15.01
C ASP A 255 44.40 -15.27 15.89
N ILE A 256 43.38 -15.92 15.30
CA ILE A 256 42.29 -16.47 16.09
C ILE A 256 42.81 -17.59 17.00
N ALA A 257 43.69 -18.44 16.48
CA ALA A 257 44.26 -19.52 17.28
C ALA A 257 45.07 -19.02 18.46
N LYS A 258 45.59 -17.80 18.38
CA LYS A 258 46.31 -17.23 19.52
C LYS A 258 45.39 -16.95 20.70
N ASN A 259 44.12 -16.65 20.44
CA ASN A 259 43.17 -16.38 21.50
C ASN A 259 42.88 -17.65 22.29
N PRO A 260 42.42 -17.51 23.53
CA PRO A 260 42.03 -18.70 24.30
C PRO A 260 40.73 -19.30 23.78
N GLY A 261 40.50 -20.55 24.16
CA GLY A 261 39.30 -21.26 23.77
C GLY A 261 39.60 -22.70 23.50
N GLY A 262 38.65 -23.37 22.84
CA GLY A 262 38.76 -24.76 22.49
C GLY A 262 39.28 -24.97 21.08
N LEU A 263 38.80 -26.03 20.45
CA LEU A 263 39.21 -26.34 19.08
C LEU A 263 38.58 -25.37 18.10
N MET A 264 39.06 -25.41 16.85
CA MET A 264 38.52 -24.60 15.77
C MET A 264 37.53 -25.42 14.97
N TYR A 265 36.34 -24.86 14.75
CA TYR A 265 35.26 -25.54 14.04
C TYR A 265 34.96 -24.78 12.75
N ALA A 266 34.77 -25.54 11.66
CA ALA A 266 34.41 -24.98 10.36
C ALA A 266 33.36 -25.90 9.75
N ASP A 267 32.09 -25.55 9.95
CA ASP A 267 30.96 -26.36 9.49
C ASP A 267 30.27 -25.67 8.33
N ASP A 268 29.99 -26.43 7.28
CA ASP A 268 29.30 -25.93 6.10
C ASP A 268 27.81 -26.23 6.21
N THR A 269 26.98 -25.23 5.90
CA THR A 269 25.54 -25.40 5.84
C THR A 269 25.14 -25.74 4.41
N ALA A 270 24.62 -26.95 4.22
CA ALA A 270 24.22 -27.39 2.89
C ALA A 270 23.05 -26.56 2.38
N GLY A 271 23.22 -25.97 1.20
CA GLY A 271 22.17 -25.14 0.63
C GLY A 271 21.83 -23.93 1.48
N TRP A 272 22.84 -23.18 1.91
CA TRP A 272 22.61 -22.04 2.80
C TRP A 272 21.63 -21.05 2.19
N ASP A 273 21.79 -20.72 0.91
CA ASP A 273 20.90 -19.77 0.26
C ASP A 273 19.47 -20.30 0.22
N THR A 274 19.31 -21.62 0.12
CA THR A 274 17.98 -22.23 0.14
C THR A 274 17.45 -22.45 1.56
N ARG A 275 18.25 -22.14 2.59
CA ARG A 275 17.83 -22.28 3.97
C ARG A 275 17.75 -20.94 4.70
N ILE A 276 17.54 -19.85 3.96
CA ILE A 276 17.34 -18.54 4.55
C ILE A 276 15.85 -18.40 4.86
N THR A 277 15.50 -18.45 6.14
CA THR A 277 14.11 -18.45 6.55
C THR A 277 13.51 -17.05 6.42
N LYS A 278 12.18 -16.99 6.49
CA LYS A 278 11.50 -15.70 6.46
C LYS A 278 11.84 -14.87 7.69
N ALA A 279 12.13 -15.52 8.82
CA ALA A 279 12.59 -14.78 9.99
C ALA A 279 13.96 -14.16 9.73
N ASP A 280 14.82 -14.86 8.98
CA ASP A 280 16.12 -14.29 8.63
C ASP A 280 15.96 -13.01 7.83
N LEU A 281 15.04 -13.00 6.86
CA LEU A 281 14.78 -11.78 6.10
C LEU A 281 14.27 -10.66 7.00
N GLU A 282 13.34 -10.98 7.91
CA GLU A 282 12.84 -9.97 8.82
C GLU A 282 13.93 -9.44 9.73
N ASN A 283 14.77 -10.33 10.27
CA ASN A 283 15.84 -9.91 11.17
C ASN A 283 16.84 -9.01 10.45
N GLU A 284 17.13 -9.32 9.19
CA GLU A 284 18.01 -8.45 8.40
C GLU A 284 17.31 -7.16 8.00
N SER A 285 15.98 -7.17 7.92
CA SER A 285 15.24 -6.01 7.44
C SER A 285 15.07 -4.93 8.49
N ILE A 286 15.46 -5.18 9.75
CA ILE A 286 15.35 -4.14 10.77
C ILE A 286 16.43 -3.08 10.65
N VAL A 287 17.31 -3.20 9.67
CA VAL A 287 18.25 -2.12 9.39
C VAL A 287 17.49 -0.87 8.94
N LEU A 288 16.30 -1.04 8.36
CA LEU A 288 15.49 0.10 7.95
C LEU A 288 15.20 1.03 9.12
N GLU A 289 15.15 0.49 10.34
CA GLU A 289 14.95 1.32 11.52
C GLU A 289 16.14 2.24 11.80
N MET A 290 17.31 1.92 11.25
CA MET A 290 18.49 2.76 11.38
C MET A 290 18.64 3.76 10.24
N MET A 291 17.68 3.79 9.31
CA MET A 291 17.75 4.64 8.13
C MET A 291 16.82 5.83 8.26
N THR A 292 17.10 6.85 7.45
CA THR A 292 16.22 8.01 7.39
C THR A 292 14.92 7.63 6.68
N PRO A 293 13.82 8.31 6.99
CA PRO A 293 12.55 7.98 6.33
C PRO A 293 12.62 8.11 4.81
N GLU A 294 13.35 9.11 4.31
CA GLU A 294 13.50 9.25 2.87
C GLU A 294 14.23 8.03 2.29
N HIS A 295 15.28 7.58 2.96
CA HIS A 295 15.97 6.37 2.53
C HIS A 295 15.10 5.13 2.68
N ARG A 296 14.36 5.04 3.80
CA ARG A 296 13.47 3.91 4.01
C ARG A 296 12.35 3.89 2.97
N ALA A 297 11.89 5.06 2.51
CA ALA A 297 10.85 5.09 1.49
C ALA A 297 11.28 4.41 0.20
N LEU A 298 12.59 4.29 -0.05
CA LEU A 298 13.09 3.60 -1.23
C LEU A 298 13.43 2.15 -0.95
N ALA A 299 13.96 1.85 0.23
CA ALA A 299 14.43 0.49 0.55
C ALA A 299 13.31 -0.40 1.06
N GLU A 300 12.38 0.13 1.85
CA GLU A 300 11.27 -0.68 2.35
C GLU A 300 10.45 -1.31 1.23
N PRO A 301 10.00 -0.59 0.20
CA PRO A 301 9.27 -1.27 -0.88
C PRO A 301 10.08 -2.32 -1.59
N LEU A 302 11.40 -2.09 -1.76
CA LEU A 302 12.23 -3.03 -2.51
C LEU A 302 12.35 -4.36 -1.79
N ILE A 303 12.65 -4.33 -0.49
CA ILE A 303 12.80 -5.58 0.26
C ILE A 303 11.49 -6.36 0.27
N LYS A 304 10.37 -5.67 0.48
CA LYS A 304 9.07 -6.34 0.47
C LYS A 304 8.77 -6.95 -0.89
N PHE A 305 9.04 -6.21 -1.97
CA PHE A 305 8.63 -6.64 -3.31
C PHE A 305 9.68 -7.51 -4.00
N ALA A 306 10.97 -7.23 -3.82
CA ALA A 306 12.00 -7.99 -4.53
C ALA A 306 12.43 -9.23 -3.75
N TYR A 307 12.71 -9.09 -2.46
CA TYR A 307 13.22 -10.19 -1.67
C TYR A 307 12.11 -11.05 -1.07
N MET A 308 11.14 -10.41 -0.42
CA MET A 308 10.14 -11.14 0.34
C MET A 308 9.01 -11.71 -0.52
N ASN A 309 8.79 -11.17 -1.71
CA ASN A 309 7.82 -11.75 -2.65
C ASN A 309 8.47 -11.78 -4.04
N LYS A 310 9.23 -12.84 -4.31
CA LYS A 310 10.00 -12.92 -5.54
C LYS A 310 9.11 -13.33 -6.71
N VAL A 311 9.47 -12.87 -7.90
CA VAL A 311 8.90 -13.35 -9.15
C VAL A 311 10.07 -13.82 -10.01
N VAL A 312 10.04 -15.08 -10.40
CA VAL A 312 11.18 -15.75 -11.03
C VAL A 312 10.74 -16.33 -12.37
N LYS A 313 11.58 -16.13 -13.38
CA LYS A 313 11.36 -16.70 -14.71
C LYS A 313 12.33 -17.86 -14.89
N VAL A 314 11.79 -19.05 -15.13
CA VAL A 314 12.57 -20.27 -15.29
C VAL A 314 12.19 -20.93 -16.60
N MET A 315 13.19 -21.32 -17.39
CA MET A 315 12.94 -22.08 -18.60
C MET A 315 12.69 -23.54 -18.25
N ARG A 316 11.71 -24.14 -18.92
CA ARG A 316 11.38 -25.54 -18.70
C ARG A 316 11.35 -26.27 -20.03
N PRO A 317 11.84 -27.51 -20.09
CA PRO A 317 11.71 -28.28 -21.32
C PRO A 317 10.26 -28.48 -21.69
N GLY A 318 9.97 -28.43 -23.00
CA GLY A 318 8.63 -28.57 -23.51
C GLY A 318 8.54 -29.68 -24.55
N ALA A 319 7.34 -29.80 -25.12
CA ALA A 319 7.05 -30.81 -26.13
C ALA A 319 7.30 -30.25 -27.52
N ASP A 320 7.35 -31.16 -28.50
CA ASP A 320 7.60 -30.82 -29.91
C ASP A 320 8.93 -30.09 -30.09
N GLY A 321 9.88 -30.35 -29.19
CA GLY A 321 11.17 -29.68 -29.27
C GLY A 321 11.09 -28.17 -29.09
N ILE A 322 10.28 -27.72 -28.14
CA ILE A 322 10.10 -26.30 -27.87
C ILE A 322 10.45 -26.03 -26.42
N THR A 323 10.93 -24.82 -26.14
CA THR A 323 11.25 -24.40 -24.79
C THR A 323 10.23 -23.36 -24.32
N VAL A 324 9.94 -23.39 -23.02
CA VAL A 324 8.91 -22.54 -22.43
C VAL A 324 9.51 -21.82 -21.22
N MET A 325 8.92 -20.67 -20.89
CA MET A 325 9.35 -19.87 -19.75
C MET A 325 8.21 -19.80 -18.74
N ASP A 326 8.51 -20.12 -17.49
CA ASP A 326 7.52 -20.14 -16.42
C ASP A 326 7.68 -18.91 -15.53
N VAL A 327 6.57 -18.49 -14.92
CA VAL A 327 6.54 -17.40 -13.97
C VAL A 327 6.00 -17.95 -12.66
N ILE A 328 6.78 -17.79 -11.58
CA ILE A 328 6.46 -18.37 -10.28
C ILE A 328 6.82 -17.37 -9.19
N SER A 329 6.41 -17.69 -7.96
CA SER A 329 6.65 -16.80 -6.83
C SER A 329 6.76 -17.61 -5.54
N ARG A 330 7.44 -17.02 -4.55
CA ARG A 330 7.55 -17.61 -3.22
C ARG A 330 7.70 -16.46 -2.22
N GLU A 331 8.14 -16.77 -1.00
CA GLU A 331 8.20 -15.78 0.06
C GLU A 331 9.50 -15.74 0.88
N ASP A 332 10.40 -16.72 0.76
CA ASP A 332 11.38 -16.78 1.84
C ASP A 332 12.84 -16.77 1.39
N GLN A 333 13.16 -17.40 0.26
CA GLN A 333 14.55 -17.74 -0.03
C GLN A 333 15.41 -16.49 -0.23
N ARG A 334 16.70 -16.73 -0.45
CA ARG A 334 17.65 -15.69 -0.81
C ARG A 334 18.03 -15.86 -2.27
N GLY A 335 17.94 -14.77 -3.02
CA GLY A 335 18.06 -14.84 -4.47
C GLY A 335 19.46 -15.14 -4.97
N SER A 336 20.48 -15.04 -4.13
CA SER A 336 21.86 -15.39 -4.51
C SER A 336 22.37 -14.48 -5.62
N GLY A 337 21.54 -13.54 -6.06
CA GLY A 337 21.91 -12.59 -7.10
C GLY A 337 21.64 -11.19 -6.61
N GLN A 338 21.08 -11.10 -5.40
CA GLN A 338 20.90 -9.81 -4.75
C GLN A 338 22.25 -9.16 -4.53
N VAL A 339 22.32 -7.85 -4.76
CA VAL A 339 23.57 -7.12 -4.65
C VAL A 339 24.16 -7.23 -3.24
N VAL A 340 23.32 -7.47 -2.24
CA VAL A 340 23.78 -7.59 -0.86
C VAL A 340 23.66 -9.03 -0.38
N THR A 341 23.72 -9.99 -1.31
CA THR A 341 23.64 -11.39 -0.92
C THR A 341 24.78 -11.78 0.01
N TYR A 342 26.01 -11.40 -0.36
CA TYR A 342 27.16 -11.72 0.47
C TYR A 342 27.10 -11.01 1.82
N ALA A 343 26.76 -9.72 1.81
CA ALA A 343 26.75 -8.95 3.05
C ALA A 343 25.70 -9.46 4.01
N LEU A 344 24.49 -9.76 3.51
CA LEU A 344 23.43 -10.26 4.38
C LEU A 344 23.75 -11.66 4.89
N ASN A 345 24.35 -12.50 4.05
CA ASN A 345 24.73 -13.83 4.50
C ASN A 345 25.78 -13.77 5.61
N THR A 346 26.73 -12.84 5.49
CA THR A 346 27.71 -12.65 6.55
C THR A 346 27.04 -12.21 7.85
N PHE A 347 26.08 -11.29 7.76
CA PHE A 347 25.39 -10.82 8.96
C PHE A 347 24.66 -11.95 9.66
N THR A 348 23.83 -12.68 8.92
CA THR A 348 23.04 -13.76 9.52
C THR A 348 23.94 -14.88 10.03
N ASN A 349 24.98 -15.24 9.27
CA ASN A 349 25.88 -16.31 9.70
C ASN A 349 26.59 -15.93 10.99
N LEU A 350 27.01 -14.67 11.12
CA LEU A 350 27.59 -14.20 12.37
C LEU A 350 26.60 -14.32 13.51
N CYS A 351 25.32 -14.00 13.26
CA CYS A 351 24.29 -14.19 14.27
C CYS A 351 24.10 -15.67 14.60
N VAL A 352 24.13 -16.52 13.58
CA VAL A 352 23.93 -17.95 13.79
C VAL A 352 25.03 -18.53 14.66
N GLN A 353 26.28 -18.17 14.37
CA GLN A 353 27.40 -18.70 15.15
C GLN A 353 27.40 -18.16 16.57
N LEU A 354 27.03 -16.89 16.74
CA LEU A 354 26.91 -16.33 18.09
C LEU A 354 25.82 -17.05 18.90
N ILE A 355 24.70 -17.36 18.25
CA ILE A 355 23.63 -18.07 18.95
C ILE A 355 24.09 -19.45 19.38
N ARG A 356 24.80 -20.17 18.50
CA ARG A 356 25.29 -21.49 18.86
C ARG A 356 26.32 -21.42 19.99
N CYS A 357 27.12 -20.34 20.04
CA CYS A 357 28.05 -20.17 21.14
C CYS A 357 27.32 -20.03 22.47
N MET A 358 26.17 -19.34 22.46
CA MET A 358 25.38 -19.20 23.69
C MET A 358 24.88 -20.55 24.18
N GLU A 359 24.40 -21.40 23.27
CA GLU A 359 23.94 -22.72 23.67
C GLU A 359 25.09 -23.56 24.21
N GLY A 360 26.27 -23.47 23.58
CA GLY A 360 27.41 -24.22 24.05
C GLY A 360 27.85 -23.83 25.46
N GLU A 361 27.72 -22.55 25.80
CA GLU A 361 28.13 -22.05 27.11
C GLU A 361 27.06 -22.23 28.17
N GLY A 362 25.93 -22.85 27.84
CA GLY A 362 24.89 -23.11 28.80
C GLY A 362 23.87 -22.00 28.98
N LEU A 363 24.02 -20.89 28.26
CA LEU A 363 23.03 -19.81 28.35
C LEU A 363 21.68 -20.26 27.80
N LEU A 364 21.69 -21.05 26.74
CA LEU A 364 20.47 -21.50 26.08
C LEU A 364 20.33 -23.01 26.27
N LYS A 365 19.20 -23.44 26.83
CA LYS A 365 18.89 -24.84 27.02
C LYS A 365 18.30 -25.43 25.75
N PRO A 366 18.43 -26.74 25.54
CA PRO A 366 17.78 -27.35 24.36
C PRO A 366 16.27 -27.24 24.39
N GLU A 367 15.66 -27.04 25.57
CA GLU A 367 14.21 -26.91 25.65
C GLU A 367 13.73 -25.51 25.26
N GLU A 368 14.58 -24.49 25.45
CA GLU A 368 14.18 -23.12 25.17
C GLU A 368 13.92 -22.86 23.68
N VAL A 369 14.13 -23.86 22.83
CA VAL A 369 13.85 -23.73 21.41
C VAL A 369 12.37 -23.47 21.18
N GLU A 370 11.51 -24.21 21.88
CA GLU A 370 10.07 -24.01 21.73
C GLU A 370 9.58 -22.76 22.45
N LYS A 371 10.13 -22.48 23.64
CA LYS A 371 9.69 -21.34 24.43
C LYS A 371 10.85 -20.88 25.31
N LEU A 372 11.19 -19.61 25.20
CA LEU A 372 12.27 -19.05 26.00
C LEU A 372 11.85 -18.92 27.46
N GLU A 373 12.83 -19.01 28.35
CA GLU A 373 12.56 -18.88 29.78
C GLU A 373 12.18 -17.44 30.11
N ARG A 374 11.91 -17.20 31.39
CA ARG A 374 11.37 -15.93 31.86
C ARG A 374 12.30 -14.76 31.59
N GLY A 375 13.46 -14.76 32.21
CA GLY A 375 14.41 -13.67 32.08
C GLY A 375 15.49 -13.87 31.04
N LYS A 376 15.36 -14.89 30.19
CA LYS A 376 16.41 -15.26 29.24
C LYS A 376 16.38 -14.40 27.97
N GLN A 377 15.73 -13.24 27.99
CA GLN A 377 15.82 -12.29 26.88
C GLN A 377 16.79 -11.15 27.19
N ARG A 378 16.66 -10.51 28.35
CA ARG A 378 17.66 -9.55 28.77
C ARG A 378 18.99 -10.23 29.08
N LYS A 379 18.94 -11.46 29.60
CA LYS A 379 20.18 -12.19 29.87
C LYS A 379 20.97 -12.46 28.60
N ILE A 380 20.28 -12.80 27.50
CA ILE A 380 20.96 -12.93 26.22
C ILE A 380 21.59 -11.61 25.81
N GLN A 381 20.85 -10.51 26.01
CA GLN A 381 21.42 -9.18 25.73
C GLN A 381 22.63 -8.92 26.62
N ASP A 382 22.57 -9.32 27.89
CA ASP A 382 23.71 -9.15 28.78
C ASP A 382 24.92 -9.94 28.29
N TRP A 383 24.69 -11.20 27.87
CA TRP A 383 25.80 -12.01 27.39
C TRP A 383 26.43 -11.42 26.13
N LEU A 384 25.60 -10.95 25.20
CA LEU A 384 26.13 -10.31 24.00
C LEU A 384 26.86 -9.01 24.34
N ASP A 385 26.31 -8.23 25.29
CA ASP A 385 26.97 -6.99 25.68
C ASP A 385 28.35 -7.23 26.28
N LYS A 386 28.53 -8.37 26.96
CA LYS A 386 29.80 -8.67 27.61
C LYS A 386 30.71 -9.52 26.74
N ASN A 387 30.19 -10.63 26.21
CA ASN A 387 30.98 -11.60 25.48
C ASN A 387 30.87 -11.46 23.97
N GLY A 388 30.06 -10.54 23.47
CA GLY A 388 29.88 -10.43 22.03
C GLY A 388 31.14 -10.03 21.31
N THR A 389 31.85 -9.02 21.82
CA THR A 389 33.07 -8.55 21.16
C THR A 389 34.14 -9.62 21.19
N GLU A 390 34.33 -10.27 22.34
CA GLU A 390 35.35 -11.31 22.44
C GLU A 390 35.02 -12.50 21.56
N ARG A 391 33.75 -12.91 21.52
CA ARG A 391 33.36 -14.08 20.75
C ARG A 391 33.51 -13.82 19.25
N LEU A 392 33.15 -12.62 18.80
CA LEU A 392 33.26 -12.29 17.38
C LEU A 392 34.72 -12.24 16.94
N ALA A 393 35.61 -11.74 17.78
CA ALA A 393 37.02 -11.63 17.43
C ALA A 393 37.65 -12.98 17.15
N SER A 394 37.07 -14.06 17.66
CA SER A 394 37.52 -15.42 17.37
C SER A 394 36.69 -16.09 16.29
N MET A 395 36.19 -15.33 15.33
CA MET A 395 35.39 -15.86 14.23
C MET A 395 35.93 -15.35 12.91
N ALA A 396 35.74 -16.16 11.86
CA ALA A 396 36.06 -15.77 10.49
C ALA A 396 34.89 -16.20 9.62
N VAL A 397 34.08 -15.24 9.18
CA VAL A 397 32.85 -15.51 8.45
C VAL A 397 32.93 -14.81 7.10
N SER A 398 32.79 -15.59 6.03
CA SER A 398 32.74 -15.07 4.66
C SER A 398 31.50 -15.69 4.00
N GLY A 399 30.40 -14.94 3.97
CA GLY A 399 29.17 -15.50 3.44
C GLY A 399 28.72 -16.67 4.29
N ASP A 400 28.50 -17.82 3.64
CA ASP A 400 28.10 -19.02 4.34
C ASP A 400 29.27 -19.84 4.87
N ASP A 401 30.51 -19.44 4.55
CA ASP A 401 31.70 -20.08 5.11
C ASP A 401 32.03 -19.45 6.44
N CYS A 402 32.37 -20.29 7.42
CA CYS A 402 32.57 -19.80 8.78
C CYS A 402 33.63 -20.64 9.49
N VAL A 403 34.41 -19.96 10.34
CA VAL A 403 35.32 -20.60 11.27
C VAL A 403 35.12 -19.95 12.63
N VAL A 404 34.89 -20.76 13.66
CA VAL A 404 34.59 -20.27 15.00
C VAL A 404 35.51 -20.98 15.99
N LYS A 405 36.12 -20.21 16.88
CA LYS A 405 36.86 -20.75 18.02
C LYS A 405 36.09 -20.41 19.28
N PRO A 406 35.31 -21.33 19.84
CA PRO A 406 34.40 -21.01 20.95
C PRO A 406 35.13 -20.99 22.29
N LYS A 407 34.35 -20.72 23.34
CA LYS A 407 34.90 -20.65 24.70
C LYS A 407 35.46 -21.99 25.14
N ASP A 408 34.74 -23.07 24.85
CA ASP A 408 35.16 -24.42 25.22
C ASP A 408 34.71 -25.38 24.12
N ASP A 409 34.81 -26.68 24.39
CA ASP A 409 34.47 -27.70 23.40
C ASP A 409 33.02 -28.15 23.49
N ARG A 410 32.22 -27.59 24.41
CA ARG A 410 30.79 -27.87 24.42
C ARG A 410 30.08 -27.32 23.19
N PHE A 411 30.72 -26.43 22.44
CA PHE A 411 30.17 -25.92 21.19
C PHE A 411 29.90 -27.02 20.18
N ALA A 412 30.62 -28.15 20.30
CA ALA A 412 30.43 -29.24 19.34
C ALA A 412 29.04 -29.84 19.45
N THR A 413 28.50 -29.96 20.65
CA THR A 413 27.21 -30.59 20.88
C THR A 413 26.05 -29.61 20.93
N ALA A 414 26.29 -28.32 20.70
CA ALA A 414 25.24 -27.30 20.74
C ALA A 414 24.54 -27.24 19.38
N LEU A 415 23.84 -28.33 19.07
CA LEU A 415 23.21 -28.50 17.77
C LEU A 415 21.71 -28.23 17.78
N HIS A 416 21.13 -27.88 18.93
CA HIS A 416 19.69 -27.75 19.02
C HIS A 416 19.20 -26.47 18.34
N PHE A 417 19.73 -25.32 18.76
CA PHE A 417 19.32 -24.07 18.14
C PHE A 417 19.81 -23.96 16.70
N LEU A 418 20.94 -24.59 16.39
CA LEU A 418 21.43 -24.58 15.00
C LEU A 418 20.47 -25.30 14.07
N ASN A 419 20.04 -26.51 14.45
CA ASN A 419 19.11 -27.25 13.62
C ASN A 419 17.72 -26.64 13.65
N SER A 420 17.37 -25.96 14.75
CA SER A 420 16.07 -25.29 14.81
C SER A 420 15.99 -24.11 13.86
N MET A 421 17.13 -23.48 13.57
CA MET A 421 17.19 -22.38 12.62
C MET A 421 17.31 -22.84 11.18
N SER A 422 17.17 -24.15 10.92
CA SER A 422 17.27 -24.74 9.60
C SER A 422 18.65 -24.56 8.99
N LYS A 423 19.66 -24.31 9.81
CA LYS A 423 21.04 -24.23 9.34
C LYS A 423 21.74 -25.57 9.54
N ILE A 424 21.15 -26.60 8.92
CA ILE A 424 21.65 -27.96 9.08
C ILE A 424 23.02 -28.09 8.43
N ARG A 425 23.94 -28.73 9.13
CA ARG A 425 25.30 -28.92 8.62
C ARG A 425 25.29 -29.88 7.44
N LYS A 426 26.36 -29.83 6.65
CA LYS A 426 26.46 -30.59 5.42
C LYS A 426 27.28 -31.86 5.63
N ASP A 427 26.83 -32.95 5.01
CA ASP A 427 27.55 -34.23 5.00
C ASP A 427 27.85 -34.74 6.40
N ILE A 428 26.84 -34.66 7.27
CA ILE A 428 26.97 -35.15 8.65
C ILE A 428 25.57 -35.46 9.17
N PRO A 429 25.40 -36.46 10.04
CA PRO A 429 24.09 -36.68 10.64
C PRO A 429 23.60 -35.44 11.40
N GLU A 430 22.29 -35.34 11.52
CA GLU A 430 21.68 -34.13 12.08
C GLU A 430 22.14 -33.87 13.51
N TRP A 431 22.22 -34.92 14.32
CA TRP A 431 22.55 -34.78 15.73
C TRP A 431 23.88 -35.41 16.10
N LYS A 432 24.72 -35.74 15.12
CA LYS A 432 26.06 -36.22 15.41
C LYS A 432 26.96 -35.05 15.83
N GLN A 433 27.81 -35.30 16.81
CA GLN A 433 28.66 -34.24 17.35
C GLN A 433 29.62 -33.71 16.28
N SER A 434 29.74 -32.40 16.23
CA SER A 434 30.72 -31.77 15.34
C SER A 434 32.13 -31.99 15.86
N THR A 435 33.07 -32.15 14.93
CA THR A 435 34.47 -32.40 15.26
C THR A 435 35.30 -31.16 14.91
N GLY A 436 36.10 -30.70 15.87
CA GLY A 436 36.94 -29.54 15.66
C GLY A 436 38.32 -29.90 15.16
N TRP A 437 39.13 -28.85 14.94
CA TRP A 437 40.49 -28.99 14.46
C TRP A 437 41.48 -28.55 15.54
N ARG A 438 42.55 -29.32 15.71
CA ARG A 438 43.55 -28.98 16.72
C ARG A 438 44.56 -27.97 16.19
N ASN A 439 44.90 -28.03 14.90
CA ASN A 439 45.86 -27.12 14.29
C ASN A 439 45.11 -26.20 13.33
N TRP A 440 45.33 -24.89 13.48
CA TRP A 440 44.65 -23.92 12.63
C TRP A 440 44.99 -24.09 11.15
N GLN A 441 46.14 -24.68 10.85
CA GLN A 441 46.56 -24.85 9.46
C GLN A 441 45.72 -25.88 8.71
N ASP A 442 45.02 -26.76 9.44
CA ASP A 442 44.17 -27.77 8.81
C ASP A 442 42.73 -27.29 8.63
N VAL A 443 42.39 -26.10 9.11
CA VAL A 443 41.01 -25.62 9.09
C VAL A 443 40.63 -25.21 7.67
N PRO A 444 39.56 -25.76 7.11
CA PRO A 444 39.08 -25.30 5.80
C PRO A 444 38.42 -23.93 5.91
N PHE A 445 38.63 -23.10 4.89
CA PHE A 445 38.01 -21.78 4.84
C PHE A 445 38.10 -21.27 3.41
N CYS A 446 36.95 -20.96 2.82
CA CYS A 446 36.87 -20.47 1.45
C CYS A 446 37.58 -21.40 0.48
N SER A 447 37.31 -22.70 0.63
CA SER A 447 37.88 -23.76 -0.19
C SER A 447 39.40 -23.83 -0.08
N HIS A 448 39.98 -23.30 1.01
CA HIS A 448 41.41 -23.26 1.16
C HIS A 448 41.80 -23.62 2.60
N HIS A 449 42.98 -24.20 2.73
CA HIS A 449 43.70 -24.29 3.99
C HIS A 449 44.99 -23.50 3.86
N PHE A 450 45.62 -23.19 5.00
CA PHE A 450 46.77 -22.30 5.00
C PHE A 450 47.95 -22.95 5.70
N HIS A 451 49.11 -22.91 5.05
CA HIS A 451 50.34 -23.45 5.59
C HIS A 451 51.23 -22.33 6.11
N GLU A 452 51.96 -22.63 7.19
CA GLU A 452 52.94 -21.72 7.75
C GLU A 452 54.33 -22.14 7.29
N LEU A 453 55.06 -21.21 6.66
CA LEU A 453 56.36 -21.49 6.08
C LEU A 453 57.40 -20.54 6.65
N THR A 454 58.65 -21.00 6.64
CA THR A 454 59.80 -20.19 7.01
C THR A 454 60.68 -20.03 5.77
N MET A 455 60.95 -18.78 5.41
CA MET A 455 61.70 -18.49 4.18
C MET A 455 63.18 -18.81 4.37
N LYS A 456 63.92 -18.70 3.26
CA LYS A 456 65.37 -18.89 3.31
C LYS A 456 66.03 -17.83 4.19
N ASP A 457 65.56 -16.58 4.09
CA ASP A 457 66.10 -15.50 4.92
C ASP A 457 65.65 -15.58 6.36
N GLY A 458 64.78 -16.53 6.71
CA GLY A 458 64.33 -16.71 8.07
C GLY A 458 62.95 -16.13 8.37
N ARG A 459 62.46 -15.22 7.53
CA ARG A 459 61.13 -14.67 7.73
C ARG A 459 60.07 -15.74 7.49
N GLN A 460 58.96 -15.61 8.21
CA GLN A 460 57.86 -16.55 8.09
C GLN A 460 56.71 -15.92 7.32
N ILE A 461 55.94 -16.78 6.64
CA ILE A 461 54.86 -16.33 5.78
C ILE A 461 53.77 -17.40 5.77
N VAL A 462 52.52 -16.96 5.84
CA VAL A 462 51.37 -17.85 5.80
C VAL A 462 50.77 -17.78 4.39
N VAL A 463 50.61 -18.94 3.76
CA VAL A 463 50.22 -18.99 2.35
C VAL A 463 48.95 -19.81 2.19
N PRO A 464 48.09 -19.47 1.23
CA PRO A 464 46.91 -20.28 0.97
C PRO A 464 47.23 -21.50 0.12
N CYS A 465 46.54 -22.60 0.41
CA CYS A 465 46.81 -23.84 -0.29
C CYS A 465 45.53 -24.66 -0.39
N ARG A 466 45.45 -25.44 -1.47
CA ARG A 466 44.37 -26.39 -1.68
C ARG A 466 44.90 -27.49 -2.60
N HIS A 467 44.15 -28.57 -2.70
CA HIS A 467 44.60 -29.72 -3.47
C HIS A 467 44.90 -29.31 -4.91
N GLN A 468 46.04 -29.78 -5.42
CA GLN A 468 46.54 -29.32 -6.71
C GLN A 468 45.64 -29.73 -7.85
N ASP A 469 44.93 -30.86 -7.71
CA ASP A 469 44.04 -31.32 -8.78
C ASP A 469 42.91 -30.32 -9.02
N GLU A 470 42.42 -29.68 -7.96
CA GLU A 470 41.34 -28.70 -8.10
C GLU A 470 41.81 -27.50 -8.92
N LEU A 471 43.06 -27.06 -8.69
CA LEU A 471 43.56 -25.87 -9.37
C LEU A 471 43.84 -26.16 -10.85
N ILE A 472 44.45 -27.30 -11.16
CA ILE A 472 44.71 -27.65 -12.54
C ILE A 472 43.41 -27.94 -13.28
N GLY A 473 42.43 -28.54 -12.59
CA GLY A 473 41.20 -28.93 -13.24
C GLY A 473 40.42 -27.77 -13.81
N ARG A 474 40.33 -26.66 -13.06
CA ARG A 474 39.55 -25.53 -13.53
C ARG A 474 40.24 -24.82 -14.68
N ALA A 475 41.58 -24.79 -14.69
CA ALA A 475 42.30 -24.13 -15.77
C ALA A 475 42.10 -24.87 -17.09
N ARG A 476 42.04 -26.20 -17.05
CA ARG A 476 41.92 -26.99 -18.27
C ARG A 476 40.60 -26.76 -19.01
N LEU A 477 39.61 -26.15 -18.37
CA LEU A 477 38.28 -26.02 -18.93
C LEU A 477 37.94 -24.55 -19.18
N SER A 478 37.24 -24.29 -20.26
CA SER A 478 36.81 -22.95 -20.64
C SER A 478 35.30 -22.89 -20.78
N PRO A 479 34.66 -21.81 -20.31
CA PRO A 479 33.20 -21.74 -20.38
C PRO A 479 32.68 -21.48 -21.78
N GLY A 480 32.02 -22.48 -22.37
CA GLY A 480 31.41 -22.33 -23.67
C GLY A 480 32.34 -22.66 -24.82
N SER A 481 31.82 -22.48 -26.02
CA SER A 481 32.53 -22.75 -27.26
C SER A 481 32.86 -21.43 -27.96
N GLY A 482 33.39 -21.53 -29.18
CA GLY A 482 33.77 -20.35 -29.93
C GLY A 482 34.95 -19.62 -29.35
N TRP A 483 35.96 -20.36 -28.89
CA TRP A 483 37.16 -19.76 -28.31
C TRP A 483 38.24 -19.63 -29.37
N SER A 484 38.88 -18.47 -29.41
CA SER A 484 40.04 -18.26 -30.27
C SER A 484 41.31 -18.56 -29.50
N LEU A 485 42.39 -18.78 -30.25
CA LEU A 485 43.68 -19.06 -29.61
C LEU A 485 44.15 -17.89 -28.77
N THR A 486 43.93 -16.66 -29.25
CA THR A 486 44.32 -15.48 -28.48
C THR A 486 43.54 -15.40 -27.18
N GLU A 487 42.24 -15.68 -27.22
CA GLU A 487 41.42 -15.61 -26.01
C GLU A 487 41.82 -16.68 -25.01
N THR A 488 41.96 -17.93 -25.48
CA THR A 488 42.29 -19.01 -24.57
C THR A 488 43.73 -18.93 -24.06
N ALA A 489 44.62 -18.24 -24.79
CA ALA A 489 45.98 -18.06 -24.30
C ALA A 489 46.02 -17.06 -23.14
N CYS A 490 45.30 -15.95 -23.27
CA CYS A 490 45.29 -14.96 -22.19
C CYS A 490 44.68 -15.51 -20.93
N LEU A 491 43.62 -16.32 -21.06
CA LEU A 491 43.04 -16.97 -19.88
C LEU A 491 44.04 -17.91 -19.23
N SER A 492 44.81 -18.65 -20.04
CA SER A 492 45.84 -19.52 -19.49
C SER A 492 46.91 -18.71 -18.78
N LYS A 493 47.31 -17.57 -19.34
CA LYS A 493 48.28 -16.72 -18.68
C LYS A 493 47.74 -16.17 -17.38
N ALA A 494 46.44 -15.85 -17.34
CA ALA A 494 45.83 -15.38 -16.10
C ALA A 494 45.91 -16.45 -15.01
N TYR A 495 45.65 -17.71 -15.37
CA TYR A 495 45.82 -18.81 -14.42
C TYR A 495 47.27 -18.92 -13.98
N GLY A 496 48.21 -18.80 -14.92
CA GLY A 496 49.62 -18.95 -14.58
C GLY A 496 50.11 -17.87 -13.63
N GLN A 497 49.77 -16.61 -13.92
CA GLN A 497 50.19 -15.54 -13.03
C GLN A 497 49.47 -15.59 -11.70
N MET A 498 48.24 -16.09 -11.68
CA MET A 498 47.54 -16.30 -10.41
C MET A 498 48.26 -17.34 -9.57
N TRP A 499 48.72 -18.42 -10.18
CA TRP A 499 49.44 -19.45 -9.45
C TRP A 499 50.72 -18.92 -8.85
N LEU A 500 51.44 -18.06 -9.59
CA LEU A 500 52.68 -17.49 -9.08
C LEU A 500 52.44 -16.60 -7.87
N LEU A 501 51.29 -15.92 -7.81
CA LEU A 501 51.03 -14.99 -6.72
C LEU A 501 50.47 -15.70 -5.49
N MET A 502 49.65 -16.72 -5.68
CA MET A 502 49.01 -17.42 -4.57
C MET A 502 49.60 -18.79 -4.28
N TYR A 503 49.89 -19.58 -5.33
CA TYR A 503 50.33 -20.96 -5.17
C TYR A 503 51.77 -21.16 -5.60
N PHE A 504 52.61 -20.14 -5.39
CA PHE A 504 54.03 -20.24 -5.70
C PHE A 504 54.70 -21.37 -4.94
N HIS A 505 54.18 -21.71 -3.75
CA HIS A 505 54.76 -22.75 -2.92
C HIS A 505 54.52 -24.15 -3.45
N ARG A 506 53.71 -24.30 -4.50
CA ARG A 506 53.48 -25.59 -5.13
C ARG A 506 54.45 -25.77 -6.29
N ARG A 507 55.26 -26.84 -6.22
CA ARG A 507 56.32 -27.04 -7.20
C ARG A 507 55.76 -27.25 -8.60
N ASP A 508 54.69 -28.05 -8.73
CA ASP A 508 54.15 -28.34 -10.05
C ASP A 508 53.49 -27.10 -10.66
N LEU A 509 52.73 -26.36 -9.86
CA LEU A 509 52.05 -25.17 -10.38
C LEU A 509 53.05 -24.09 -10.78
N ARG A 510 54.10 -23.89 -9.98
CA ARG A 510 55.12 -22.89 -10.32
C ARG A 510 55.79 -23.22 -11.64
N LEU A 511 56.15 -24.49 -11.85
CA LEU A 511 56.74 -24.89 -13.12
C LEU A 511 55.74 -24.73 -14.26
N MET A 512 54.49 -25.12 -14.04
CA MET A 512 53.48 -25.03 -15.10
C MET A 512 53.10 -23.58 -15.36
N ALA A 513 53.08 -22.73 -14.34
CA ALA A 513 52.78 -21.32 -14.55
C ALA A 513 53.82 -20.65 -15.42
N ASN A 514 55.11 -20.95 -15.18
CA ASN A 514 56.16 -20.41 -16.02
C ASN A 514 56.03 -20.93 -17.45
N ALA A 515 55.66 -22.21 -17.60
CA ALA A 515 55.52 -22.79 -18.93
C ALA A 515 54.46 -22.06 -19.75
N ILE A 516 53.34 -21.70 -19.12
CA ILE A 516 52.33 -20.91 -19.81
C ILE A 516 52.89 -19.55 -20.19
N CYS A 517 53.52 -18.87 -19.24
CA CYS A 517 54.07 -17.55 -19.50
C CYS A 517 55.20 -17.60 -20.53
N SER A 518 55.94 -18.71 -20.58
CA SER A 518 56.94 -18.87 -21.61
C SER A 518 56.31 -19.18 -22.97
N ALA A 519 55.20 -19.93 -22.98
CA ALA A 519 54.51 -20.22 -24.23
C ALA A 519 53.69 -19.03 -24.72
N VAL A 520 53.11 -18.25 -23.81
CA VAL A 520 52.28 -17.11 -24.16
C VAL A 520 53.18 -15.90 -24.39
N PRO A 521 52.87 -15.04 -25.37
CA PRO A 521 53.67 -13.83 -25.57
C PRO A 521 53.65 -12.92 -24.35
N VAL A 522 54.75 -12.17 -24.17
CA VAL A 522 54.91 -11.32 -23.00
C VAL A 522 53.89 -10.19 -23.01
N SER A 523 53.74 -9.52 -24.14
CA SER A 523 52.92 -8.30 -24.21
C SER A 523 51.44 -8.59 -24.00
N TRP A 524 51.00 -9.83 -24.15
CA TRP A 524 49.57 -10.14 -24.05
C TRP A 524 49.08 -9.95 -22.62
N VAL A 525 47.95 -9.26 -22.49
CA VAL A 525 47.35 -9.01 -21.18
C VAL A 525 46.47 -10.18 -20.79
N PRO A 526 46.63 -10.74 -19.59
CA PRO A 526 45.76 -11.84 -19.17
C PRO A 526 44.30 -11.39 -19.07
N THR A 527 43.39 -12.28 -19.47
CA THR A 527 41.96 -12.03 -19.38
C THR A 527 41.29 -13.27 -18.82
N GLY A 528 39.96 -13.22 -18.76
CA GLY A 528 39.19 -14.35 -18.29
C GLY A 528 39.00 -14.36 -16.79
N ARG A 529 38.20 -15.33 -16.34
CA ARG A 529 37.84 -15.49 -14.94
C ARG A 529 38.55 -16.72 -14.39
N THR A 530 39.56 -16.50 -13.54
CA THR A 530 40.31 -17.59 -12.94
C THR A 530 39.81 -17.98 -11.55
N THR A 531 38.86 -17.23 -10.98
CA THR A 531 38.36 -17.54 -9.66
C THR A 531 36.95 -16.99 -9.51
N TRP A 532 36.14 -17.69 -8.72
CA TRP A 532 34.80 -17.24 -8.38
C TRP A 532 34.69 -16.66 -6.98
N SER A 533 35.66 -16.94 -6.11
CA SER A 533 35.62 -16.41 -4.76
C SER A 533 35.74 -14.89 -4.76
N ILE A 534 34.97 -14.25 -3.88
CA ILE A 534 35.03 -12.80 -3.75
C ILE A 534 36.40 -12.35 -3.24
N HIS A 535 37.17 -13.25 -2.64
CA HIS A 535 38.49 -12.93 -2.10
C HIS A 535 39.58 -12.94 -3.15
N GLY A 536 39.26 -13.26 -4.41
CA GLY A 536 40.23 -13.13 -5.47
C GLY A 536 40.21 -11.75 -6.06
N LYS A 537 41.15 -10.91 -5.63
CA LYS A 537 41.18 -9.50 -6.03
C LYS A 537 41.89 -9.27 -7.36
N GLY A 538 42.40 -10.32 -7.99
CA GLY A 538 42.97 -10.20 -9.33
C GLY A 538 44.19 -9.32 -9.43
N GLU A 539 45.06 -9.33 -8.41
CA GLU A 539 46.33 -8.63 -8.52
C GLU A 539 47.22 -9.24 -9.59
N TRP A 540 46.93 -10.48 -9.99
CA TRP A 540 47.69 -11.17 -11.03
C TRP A 540 47.24 -10.82 -12.44
N MET A 541 46.19 -10.01 -12.58
CA MET A 541 45.62 -9.70 -13.89
C MET A 541 46.32 -8.52 -14.57
N THR A 542 47.57 -8.24 -14.20
CA THR A 542 48.35 -7.17 -14.81
C THR A 542 49.47 -7.77 -15.66
N THR A 543 50.02 -6.94 -16.54
CA THR A 543 51.17 -7.31 -17.35
C THR A 543 52.49 -6.99 -16.66
N GLU A 544 52.46 -6.38 -15.49
CA GLU A 544 53.68 -6.11 -14.73
C GLU A 544 54.32 -7.41 -14.28
N ASP A 545 55.63 -7.36 -14.07
CA ASP A 545 56.36 -8.54 -13.61
C ASP A 545 55.76 -9.06 -12.31
N MET A 546 55.49 -10.37 -12.28
CA MET A 546 54.84 -10.96 -11.10
C MET A 546 55.74 -10.92 -9.87
N LEU A 547 57.06 -10.95 -10.07
CA LEU A 547 57.97 -10.83 -8.93
C LEU A 547 57.81 -9.49 -8.24
N ARG A 548 57.65 -8.41 -9.02
CA ARG A 548 57.39 -7.11 -8.44
C ARG A 548 56.05 -7.09 -7.70
N VAL A 549 55.02 -7.68 -8.31
CA VAL A 549 53.71 -7.76 -7.65
C VAL A 549 53.80 -8.62 -6.40
N TRP A 550 54.58 -9.70 -6.46
CA TRP A 550 54.73 -10.58 -5.30
C TRP A 550 55.32 -9.84 -4.11
N ASN A 551 56.34 -9.01 -4.35
CA ASN A 551 56.93 -8.23 -3.27
C ASN A 551 55.91 -7.25 -2.68
N ARG A 552 55.12 -6.60 -3.53
CA ARG A 552 54.12 -5.68 -3.04
C ARG A 552 53.05 -6.39 -2.21
N VAL A 553 52.61 -7.56 -2.67
CA VAL A 553 51.54 -8.27 -1.98
C VAL A 553 52.02 -8.85 -0.67
N TRP A 554 53.07 -9.67 -0.72
CA TRP A 554 53.47 -10.47 0.44
C TRP A 554 54.50 -9.80 1.34
N ILE A 555 55.02 -8.63 0.97
CA ILE A 555 56.00 -7.95 1.82
C ILE A 555 55.54 -6.54 2.13
N GLU A 556 55.35 -5.73 1.09
CA GLU A 556 55.02 -4.32 1.29
C GLU A 556 53.63 -4.15 1.91
N GLU A 557 52.62 -4.81 1.35
CA GLU A 557 51.26 -4.70 1.85
C GLU A 557 50.94 -5.74 2.92
N ASN A 558 51.91 -6.55 3.31
CA ASN A 558 51.69 -7.58 4.33
C ASN A 558 51.83 -6.95 5.71
N GLU A 559 50.70 -6.82 6.42
CA GLU A 559 50.73 -6.25 7.76
C GLU A 559 51.44 -7.15 8.76
N HIS A 560 51.64 -8.42 8.40
CA HIS A 560 52.31 -9.39 9.28
C HIS A 560 53.77 -9.62 8.90
N MET A 561 54.37 -8.67 8.18
CA MET A 561 55.76 -8.76 7.75
C MET A 561 56.46 -7.49 8.24
N GLU A 562 57.02 -7.55 9.45
CA GLU A 562 57.70 -6.39 10.01
C GLU A 562 58.94 -6.02 9.19
N ASP A 563 59.72 -7.03 8.81
CA ASP A 563 60.91 -6.80 7.99
C ASP A 563 60.46 -6.61 6.55
N LYS A 564 60.63 -5.40 6.02
CA LYS A 564 60.16 -5.06 4.69
C LYS A 564 61.22 -5.26 3.61
N THR A 565 62.27 -6.02 3.89
CA THR A 565 63.31 -6.24 2.89
C THR A 565 62.73 -7.03 1.71
N PRO A 566 62.85 -6.52 0.49
CA PRO A 566 62.21 -7.19 -0.65
C PRO A 566 62.96 -8.46 -1.06
N VAL A 567 62.23 -9.34 -1.73
CA VAL A 567 62.79 -10.57 -2.26
C VAL A 567 63.44 -10.28 -3.60
N SER A 568 64.71 -10.66 -3.74
CA SER A 568 65.50 -10.30 -4.92
C SER A 568 65.37 -11.28 -6.08
N SER A 569 64.87 -12.49 -5.84
CA SER A 569 64.77 -13.47 -6.91
C SER A 569 63.67 -14.47 -6.58
N TRP A 570 63.16 -15.12 -7.63
CA TRP A 570 62.15 -16.15 -7.45
C TRP A 570 62.66 -17.31 -6.61
N ASN A 571 63.97 -17.56 -6.62
CA ASN A 571 64.52 -18.66 -5.85
C ASN A 571 64.45 -18.41 -4.34
N ASP A 572 64.36 -17.16 -3.92
CA ASP A 572 64.14 -16.86 -2.51
C ASP A 572 62.70 -17.11 -2.09
N VAL A 573 61.78 -17.20 -3.03
CA VAL A 573 60.38 -17.50 -2.71
C VAL A 573 60.26 -18.97 -2.32
N PRO A 574 59.72 -19.29 -1.15
CA PRO A 574 59.77 -20.66 -0.65
C PRO A 574 58.73 -21.57 -1.28
N TYR A 575 59.01 -22.87 -1.20
CA TYR A 575 58.06 -23.92 -1.53
C TYR A 575 57.51 -24.54 -0.25
N LEU A 576 56.47 -25.36 -0.39
CA LEU A 576 56.06 -26.21 0.70
C LEU A 576 57.07 -27.33 0.89
N GLY A 577 57.01 -27.96 2.07
CA GLY A 577 57.79 -29.18 2.27
C GLY A 577 57.32 -30.28 1.33
N LYS A 578 58.27 -31.12 0.92
CA LYS A 578 57.92 -32.20 0.00
C LYS A 578 56.88 -33.12 0.60
N ARG A 579 56.90 -33.31 1.92
CA ARG A 579 55.86 -34.09 2.57
C ARG A 579 54.51 -33.38 2.51
N GLU A 580 54.50 -32.07 2.80
CA GLU A 580 53.23 -31.34 2.76
C GLU A 580 52.77 -31.07 1.33
N ASP A 581 53.70 -30.94 0.38
CA ASP A 581 53.32 -30.75 -1.01
C ASP A 581 52.78 -32.05 -1.62
N SER A 582 53.42 -33.18 -1.31
CA SER A 582 52.94 -34.46 -1.80
C SER A 582 51.57 -34.79 -1.21
N TRP A 583 51.35 -34.43 0.06
CA TRP A 583 50.06 -34.66 0.70
C TRP A 583 48.95 -33.92 -0.03
N CYS A 584 49.22 -32.68 -0.44
CA CYS A 584 48.23 -31.84 -1.09
C CYS A 584 48.15 -32.05 -2.60
N GLY A 585 48.63 -33.19 -3.10
CA GLY A 585 48.37 -33.59 -4.46
C GLY A 585 49.49 -33.39 -5.45
N SER A 586 50.68 -32.96 -5.01
CA SER A 586 51.78 -32.79 -5.94
C SER A 586 52.25 -34.13 -6.48
N LEU A 587 52.64 -34.14 -7.74
CA LEU A 587 53.12 -35.36 -8.41
C LEU A 587 54.63 -35.49 -8.38
N ILE A 588 55.30 -34.81 -7.44
CA ILE A 588 56.75 -34.97 -7.30
C ILE A 588 57.06 -36.40 -6.86
N GLY A 589 58.18 -36.93 -7.36
CA GLY A 589 58.57 -38.29 -7.08
C GLY A 589 58.00 -39.33 -8.03
N HIS A 590 57.00 -38.96 -8.83
CA HIS A 590 56.43 -39.86 -9.82
C HIS A 590 57.22 -39.77 -11.11
N ARG A 591 57.37 -40.91 -11.79
CA ARG A 591 58.11 -40.94 -13.05
C ARG A 591 57.45 -40.08 -14.11
N ALA A 592 56.13 -39.98 -14.09
CA ALA A 592 55.42 -39.20 -15.11
C ALA A 592 55.80 -37.73 -15.04
N ARG A 593 55.85 -37.16 -13.83
CA ARG A 593 56.21 -35.76 -13.70
C ARG A 593 57.68 -35.53 -14.07
N SER A 594 58.56 -36.45 -13.68
CA SER A 594 59.98 -36.29 -13.98
C SER A 594 60.21 -36.13 -15.48
N THR A 595 59.54 -36.95 -16.29
CA THR A 595 59.59 -36.78 -17.73
C THR A 595 58.96 -35.46 -18.16
N TRP A 596 57.84 -35.09 -17.52
CA TRP A 596 57.14 -33.87 -17.89
C TRP A 596 58.02 -32.63 -17.69
N ALA A 597 58.71 -32.54 -16.55
CA ALA A 597 59.54 -31.38 -16.28
C ALA A 597 60.80 -31.35 -17.13
N GLU A 598 61.38 -32.53 -17.38
CA GLU A 598 62.62 -32.59 -18.16
C GLU A 598 62.40 -32.12 -19.59
N ASN A 599 61.25 -32.46 -20.18
CA ASN A 599 60.94 -32.13 -21.56
C ASN A 599 59.88 -31.04 -21.68
N ILE A 600 59.85 -30.12 -20.70
CA ILE A 600 58.83 -29.07 -20.69
C ILE A 600 59.02 -28.08 -21.82
N TYR A 601 60.22 -28.02 -22.42
CA TYR A 601 60.45 -27.09 -23.52
C TYR A 601 59.66 -27.48 -24.77
N THR A 602 59.42 -28.77 -24.97
CA THR A 602 58.69 -29.20 -26.16
C THR A 602 57.27 -28.65 -26.21
N PRO A 603 56.43 -28.78 -25.16
CA PRO A 603 55.10 -28.18 -25.23
C PRO A 603 55.13 -26.66 -25.37
N ILE A 604 56.13 -25.99 -24.80
CA ILE A 604 56.19 -24.53 -24.89
C ILE A 604 56.34 -24.10 -26.35
N MET A 605 57.24 -24.76 -27.09
CA MET A 605 57.49 -24.38 -28.47
C MET A 605 56.28 -24.67 -29.35
N GLN A 606 55.57 -25.75 -29.07
CA GLN A 606 54.39 -26.09 -29.87
C GLN A 606 53.33 -24.99 -29.80
N ILE A 607 53.11 -24.45 -28.60
CA ILE A 607 52.17 -23.35 -28.45
C ILE A 607 52.68 -22.11 -29.19
N ARG A 608 53.99 -21.85 -29.11
CA ARG A 608 54.56 -20.71 -29.82
C ARG A 608 54.35 -20.84 -31.32
N GLY A 609 54.52 -22.04 -31.87
CA GLY A 609 54.28 -22.24 -33.29
C GLY A 609 52.84 -22.02 -33.69
N LEU A 610 51.91 -22.51 -32.88
CA LEU A 610 50.49 -22.33 -33.18
C LEU A 610 50.09 -20.86 -33.10
N ILE A 611 50.58 -20.14 -32.09
CA ILE A 611 50.26 -18.72 -31.96
C ILE A 611 50.83 -17.94 -33.15
N GLY A 612 52.08 -18.23 -33.52
CA GLY A 612 52.72 -17.55 -34.61
C GLY A 612 53.87 -16.69 -34.15
N PRO A 613 54.41 -15.87 -35.05
CA PRO A 613 55.53 -15.00 -34.66
C PRO A 613 55.11 -13.94 -33.65
N GLU A 614 55.94 -13.76 -32.63
CA GLU A 614 55.71 -12.79 -31.56
C GLU A 614 56.95 -12.82 -30.67
N ARG A 615 57.01 -11.86 -29.74
CA ARG A 615 58.11 -11.76 -28.79
C ARG A 615 57.77 -12.56 -27.53
N TYR A 616 58.71 -13.40 -27.10
CA TYR A 616 58.51 -14.29 -25.96
C TYR A 616 59.67 -14.16 -24.98
N VAL A 617 59.48 -14.73 -23.79
CA VAL A 617 60.52 -14.78 -22.76
C VAL A 617 60.51 -16.17 -22.14
N ASP A 618 61.69 -16.75 -21.96
CA ASP A 618 61.84 -18.08 -21.38
C ASP A 618 61.99 -17.95 -19.87
N TYR A 619 61.03 -18.50 -19.12
CA TYR A 619 61.03 -18.43 -17.66
C TYR A 619 61.52 -19.70 -16.98
N MET A 620 61.87 -20.74 -17.76
CA MET A 620 62.38 -21.97 -17.14
C MET A 620 63.66 -21.77 -16.32
N PRO A 621 64.66 -21.01 -16.78
CA PRO A 621 65.90 -20.89 -15.97
C PRO A 621 65.68 -20.29 -14.59
N THR A 622 64.60 -19.52 -14.39
CA THR A 622 64.32 -18.97 -13.06
C THR A 622 63.99 -20.05 -12.04
N LEU A 623 63.70 -21.26 -12.48
CA LEU A 623 63.42 -22.37 -11.58
C LEU A 623 64.73 -23.00 -11.07
N THR B 6 -64.72 19.66 3.85
CA THR B 6 -63.63 20.55 3.48
C THR B 6 -63.10 21.31 4.71
N ASN B 7 -62.04 22.08 4.50
CA ASN B 7 -61.38 22.86 5.55
C ASN B 7 -61.12 24.27 5.08
N TRP B 8 -62.14 24.91 4.48
CA TRP B 8 -61.95 26.19 3.83
C TRP B 8 -61.52 27.27 4.81
N LYS B 9 -62.12 27.31 6.00
CA LYS B 9 -61.83 28.38 6.95
C LYS B 9 -60.36 28.37 7.41
N MET B 10 -59.68 27.23 7.32
CA MET B 10 -58.27 27.19 7.70
C MET B 10 -57.39 27.86 6.66
N VAL B 11 -57.64 27.61 5.37
CA VAL B 11 -56.89 28.23 4.30
C VAL B 11 -57.61 29.45 3.73
N GLU B 12 -58.63 29.94 4.42
CA GLU B 12 -59.47 31.00 3.87
C GLU B 12 -58.67 32.29 3.68
N ASP B 13 -58.10 32.82 4.76
CA ASP B 13 -57.51 34.16 4.72
C ASP B 13 -56.32 34.21 3.77
N ARG B 14 -55.53 33.14 3.71
CA ARG B 14 -54.36 33.12 2.84
C ARG B 14 -54.75 33.27 1.38
N VAL B 15 -55.81 32.58 0.95
CA VAL B 15 -56.26 32.68 -0.44
C VAL B 15 -56.77 34.09 -0.72
N LYS B 16 -57.42 34.72 0.26
CA LYS B 16 -57.93 36.08 0.05
C LYS B 16 -56.80 37.05 -0.26
N LYS B 17 -55.69 36.95 0.46
CA LYS B 17 -54.57 37.86 0.23
C LYS B 17 -54.03 37.69 -1.20
N LEU B 18 -53.89 36.45 -1.65
CA LEU B 18 -53.48 36.21 -3.03
C LEU B 18 -54.54 36.68 -4.02
N ALA B 19 -55.81 36.45 -3.69
CA ALA B 19 -56.89 36.84 -4.60
C ALA B 19 -57.03 38.35 -4.70
N ASP B 20 -56.77 39.08 -3.61
CA ASP B 20 -56.90 40.53 -3.65
C ASP B 20 -55.65 41.19 -4.23
N GLU B 21 -54.47 40.68 -3.90
CA GLU B 21 -53.23 41.26 -4.41
C GLU B 21 -53.14 41.14 -5.93
N PHE B 22 -53.50 39.97 -6.47
CA PHE B 22 -53.42 39.72 -7.89
C PHE B 22 -54.81 39.70 -8.54
N SER B 23 -55.73 40.54 -8.05
CA SER B 23 -57.10 40.53 -8.54
C SER B 23 -57.18 40.92 -10.01
N THR B 24 -56.24 41.75 -10.49
CA THR B 24 -56.25 42.14 -11.89
C THR B 24 -56.05 40.95 -12.81
N THR B 25 -55.38 39.90 -12.33
CA THR B 25 -55.15 38.70 -13.11
C THR B 25 -55.74 37.45 -12.48
N TRP B 26 -56.36 37.56 -11.31
CA TRP B 26 -56.93 36.40 -10.64
C TRP B 26 -58.12 35.87 -11.43
N HIS B 27 -58.21 34.55 -11.52
CA HIS B 27 -59.26 33.90 -12.30
C HIS B 27 -59.34 32.44 -11.85
N TYR B 28 -60.24 31.69 -12.49
CA TYR B 28 -60.41 30.27 -12.23
C TYR B 28 -60.22 29.50 -13.53
N ASP B 29 -59.48 28.39 -13.44
CA ASP B 29 -59.19 27.54 -14.59
C ASP B 29 -59.89 26.20 -14.37
N SER B 30 -60.89 25.91 -15.21
CA SER B 30 -61.61 24.65 -15.12
C SER B 30 -60.82 23.47 -15.67
N GLU B 31 -59.69 23.72 -16.33
CA GLU B 31 -58.87 22.68 -16.92
C GLU B 31 -57.65 22.34 -16.07
N HIS B 32 -57.66 22.73 -14.80
CA HIS B 32 -56.51 22.45 -13.93
C HIS B 32 -56.37 20.95 -13.74
N PRO B 33 -55.14 20.43 -13.74
CA PRO B 33 -54.92 18.98 -13.60
C PRO B 33 -54.80 18.47 -12.17
N TYR B 34 -55.17 19.28 -11.18
CA TYR B 34 -54.97 18.87 -9.79
C TYR B 34 -56.01 17.83 -9.39
N LYS B 35 -55.54 16.76 -8.74
CA LYS B 35 -56.39 15.65 -8.32
C LYS B 35 -56.52 15.54 -6.81
N THR B 36 -55.41 15.48 -6.09
CA THR B 36 -55.43 15.34 -4.64
C THR B 36 -55.34 16.68 -3.91
N TRP B 37 -55.30 17.79 -4.65
CA TRP B 37 -55.22 19.12 -4.07
C TRP B 37 -56.50 19.89 -4.36
N ASN B 38 -56.93 20.70 -3.39
CA ASN B 38 -58.04 21.62 -3.61
C ASN B 38 -57.53 22.85 -4.36
N TYR B 39 -58.15 23.16 -5.50
CA TYR B 39 -57.73 24.26 -6.35
C TYR B 39 -58.63 25.46 -6.14
N HIS B 40 -58.02 26.61 -5.86
CA HIS B 40 -58.74 27.84 -5.52
C HIS B 40 -58.77 28.86 -6.64
N GLY B 41 -57.65 29.09 -7.33
CA GLY B 41 -57.63 30.06 -8.40
C GLY B 41 -56.25 30.16 -9.02
N SER B 42 -56.15 31.04 -9.99
CA SER B 42 -54.90 31.21 -10.75
C SER B 42 -54.75 32.67 -11.15
N TYR B 43 -53.49 33.11 -11.19
CA TYR B 43 -53.16 34.46 -11.64
C TYR B 43 -51.90 34.41 -12.49
N GLU B 44 -51.76 35.40 -13.37
CA GLU B 44 -50.67 35.46 -14.33
C GLU B 44 -49.43 36.09 -13.72
N VAL B 45 -48.26 35.51 -14.03
CA VAL B 45 -46.98 36.01 -13.56
C VAL B 45 -45.98 35.93 -14.71
N LYS B 46 -44.84 36.59 -14.51
CA LYS B 46 -43.76 36.53 -15.48
C LYS B 46 -43.09 35.16 -15.45
N ALA B 47 -42.34 34.87 -16.52
CA ALA B 47 -41.73 33.56 -16.70
C ALA B 47 -40.44 33.48 -15.88
N THR B 48 -40.58 33.07 -14.62
CA THR B 48 -39.43 32.81 -13.75
C THR B 48 -39.09 31.32 -13.83
N GLY B 49 -38.62 30.92 -15.01
CA GLY B 49 -38.30 29.53 -15.26
C GLY B 49 -36.91 29.37 -15.85
N SER B 50 -36.29 28.25 -15.50
CA SER B 50 -34.96 27.92 -15.99
C SER B 50 -34.71 26.44 -15.75
N ALA B 51 -34.34 25.72 -16.81
CA ALA B 51 -34.09 24.29 -16.73
C ALA B 51 -32.73 23.92 -17.31
N SER B 52 -31.77 24.84 -17.26
CA SER B 52 -30.43 24.59 -17.74
C SER B 52 -29.44 24.99 -16.65
N SER B 53 -28.58 24.05 -16.26
CA SER B 53 -27.52 24.29 -15.28
C SER B 53 -26.17 24.23 -15.99
N MET B 54 -25.35 25.24 -15.76
CA MET B 54 -24.08 25.36 -16.47
C MET B 54 -23.11 24.26 -16.06
N VAL B 55 -22.30 23.82 -17.04
CA VAL B 55 -21.26 22.85 -16.79
C VAL B 55 -20.03 23.56 -16.25
N ASN B 56 -19.38 22.95 -15.25
CA ASN B 56 -18.14 23.49 -14.69
C ASN B 56 -17.01 23.24 -15.68
N GLY B 57 -16.50 24.32 -16.29
CA GLY B 57 -15.47 24.16 -17.31
C GLY B 57 -14.15 23.65 -16.74
N VAL B 58 -13.78 24.13 -15.55
CA VAL B 58 -12.51 23.74 -14.94
C VAL B 58 -12.48 22.23 -14.67
N VAL B 59 -13.58 21.70 -14.11
CA VAL B 59 -13.65 20.28 -13.81
C VAL B 59 -13.70 19.46 -15.10
N ARG B 60 -14.38 19.97 -16.12
CA ARG B 60 -14.51 19.24 -17.37
C ARG B 60 -13.16 19.00 -18.03
N VAL B 61 -12.30 20.03 -18.03
CA VAL B 61 -11.00 19.90 -18.68
C VAL B 61 -10.12 18.89 -17.95
N LEU B 62 -10.24 18.81 -16.62
CA LEU B 62 -9.45 17.90 -15.82
C LEU B 62 -10.09 16.53 -15.63
N SER B 63 -11.23 16.28 -16.27
CA SER B 63 -11.95 15.01 -16.16
C SER B 63 -12.35 14.51 -17.53
N LYS B 64 -11.37 14.47 -18.45
CA LYS B 64 -11.66 14.11 -19.84
C LYS B 64 -12.25 12.70 -19.99
N PRO B 65 -11.70 11.65 -19.37
CA PRO B 65 -12.28 10.31 -19.58
C PRO B 65 -13.71 10.17 -19.08
N TRP B 66 -14.18 11.06 -18.20
CA TRP B 66 -15.55 11.05 -17.73
C TRP B 66 -16.45 11.97 -18.55
N ASP B 67 -15.93 12.57 -19.62
CA ASP B 67 -16.72 13.53 -20.39
C ASP B 67 -17.92 12.85 -21.06
N THR B 68 -17.71 11.64 -21.60
CA THR B 68 -18.81 10.92 -22.24
C THR B 68 -19.92 10.60 -21.26
N LEU B 69 -19.54 10.18 -20.04
CA LEU B 69 -20.52 9.86 -19.02
C LEU B 69 -20.99 11.13 -18.32
N THR B 81 -38.27 25.12 -15.70
CA THR B 81 -39.34 25.70 -16.48
C THR B 81 -40.70 25.41 -15.83
N PRO B 82 -41.73 26.19 -16.19
CA PRO B 82 -43.08 25.86 -15.73
C PRO B 82 -43.54 24.48 -16.17
N PHE B 83 -43.05 23.99 -17.30
CA PHE B 83 -43.34 22.61 -17.71
C PHE B 83 -42.79 21.62 -16.68
N GLY B 84 -41.59 21.88 -16.17
CA GLY B 84 -41.01 20.97 -15.19
C GLY B 84 -41.78 20.93 -13.89
N GLN B 85 -42.24 22.08 -13.40
CA GLN B 85 -42.97 22.11 -12.14
C GLN B 85 -44.27 21.31 -12.23
N GLN B 86 -44.98 21.44 -13.35
CA GLN B 86 -46.25 20.73 -13.50
C GLN B 86 -46.02 19.22 -13.64
N ARG B 87 -44.90 18.82 -14.25
CA ARG B 87 -44.64 17.40 -14.45
C ARG B 87 -44.27 16.71 -13.14
N VAL B 88 -43.45 17.36 -12.32
CA VAL B 88 -43.06 16.76 -11.05
C VAL B 88 -44.22 16.79 -10.06
N PHE B 89 -45.09 17.80 -10.14
CA PHE B 89 -46.24 17.87 -9.25
C PHE B 89 -47.20 16.71 -9.49
N LYS B 90 -47.48 16.43 -10.77
CA LYS B 90 -48.38 15.33 -11.09
C LYS B 90 -47.73 13.98 -10.79
N GLU B 91 -46.41 13.88 -11.00
CA GLU B 91 -45.73 12.60 -10.84
C GLU B 91 -45.61 12.21 -9.37
N LYS B 92 -45.22 13.15 -8.52
CA LYS B 92 -44.93 12.85 -7.11
C LYS B 92 -45.85 13.57 -6.15
N VAL B 93 -46.01 14.89 -6.29
CA VAL B 93 -46.69 15.68 -5.27
C VAL B 93 -48.18 15.35 -5.23
N ASP B 94 -48.82 15.24 -6.39
CA ASP B 94 -50.27 15.07 -6.47
C ASP B 94 -50.64 13.62 -6.11
N THR B 95 -50.48 13.32 -4.82
CA THR B 95 -50.74 11.98 -4.30
C THR B 95 -51.21 12.11 -2.86
N LYS B 96 -52.14 11.25 -2.46
CA LYS B 96 -52.63 11.19 -1.09
C LYS B 96 -52.24 9.83 -0.50
N ALA B 97 -51.33 9.85 0.47
CA ALA B 97 -50.95 8.62 1.14
C ALA B 97 -52.10 8.11 1.99
N PRO B 98 -52.43 6.82 1.94
CA PRO B 98 -53.56 6.32 2.74
C PRO B 98 -53.32 6.53 4.23
N GLU B 99 -54.37 6.92 4.93
CA GLU B 99 -54.27 7.16 6.36
C GLU B 99 -54.16 5.82 7.11
N PRO B 100 -53.46 5.81 8.24
CA PRO B 100 -53.26 4.54 8.95
C PRO B 100 -54.57 4.05 9.54
N PRO B 101 -54.76 2.74 9.66
CA PRO B 101 -55.95 2.21 10.32
C PRO B 101 -55.95 2.53 11.81
N LYS B 102 -57.11 2.30 12.44
CA LYS B 102 -57.28 2.69 13.84
C LYS B 102 -56.33 1.92 14.75
N GLY B 103 -56.19 0.61 14.53
CA GLY B 103 -55.27 -0.16 15.35
C GLY B 103 -53.82 0.26 15.16
N THR B 104 -53.43 0.48 13.90
CA THR B 104 -52.08 0.97 13.62
C THR B 104 -51.86 2.37 14.18
N ALA B 105 -52.85 3.24 14.04
CA ALA B 105 -52.70 4.62 14.50
C ALA B 105 -52.49 4.69 16.00
N GLU B 106 -53.17 3.82 16.76
CA GLU B 106 -52.99 3.81 18.21
C GLU B 106 -51.56 3.44 18.58
N VAL B 107 -50.97 2.46 17.87
CA VAL B 107 -49.58 2.09 18.12
C VAL B 107 -48.67 3.27 17.80
N MET B 108 -48.97 4.01 16.74
CA MET B 108 -48.20 5.20 16.42
C MET B 108 -48.29 6.24 17.53
N ARG B 109 -49.48 6.42 18.11
CA ARG B 109 -49.64 7.41 19.16
C ARG B 109 -48.89 7.01 20.43
N VAL B 110 -48.93 5.72 20.80
CA VAL B 110 -48.26 5.28 22.01
C VAL B 110 -46.75 5.42 21.87
N THR B 111 -46.21 5.05 20.71
CA THR B 111 -44.77 5.19 20.50
C THR B 111 -44.37 6.67 20.51
N ALA B 112 -45.18 7.53 19.88
CA ALA B 112 -44.85 8.96 19.84
C ALA B 112 -44.83 9.57 21.24
N LYS B 113 -45.81 9.23 22.07
CA LYS B 113 -45.84 9.76 23.43
C LYS B 113 -44.66 9.28 24.25
N TRP B 114 -44.29 8.00 24.10
CA TRP B 114 -43.10 7.49 24.77
C TRP B 114 -41.85 8.16 24.25
N MET B 115 -41.77 8.38 22.93
CA MET B 115 -40.55 8.91 22.35
C MET B 115 -40.37 10.40 22.67
N TRP B 116 -41.47 11.17 22.64
CA TRP B 116 -41.35 12.58 23.02
C TRP B 116 -40.93 12.73 24.48
N LYS B 117 -41.46 11.89 25.36
CA LYS B 117 -41.01 11.88 26.74
C LYS B 117 -39.54 11.49 26.84
N PHE B 118 -39.06 10.65 25.92
CA PHE B 118 -37.68 10.20 25.95
C PHE B 118 -36.73 11.28 25.44
N VAL B 119 -37.03 11.87 24.29
CA VAL B 119 -36.13 12.88 23.73
C VAL B 119 -36.13 14.14 24.59
N GLY B 120 -37.24 14.42 25.27
CA GLY B 120 -37.33 15.59 26.11
C GLY B 120 -37.01 15.31 27.57
N ARG B 121 -36.32 14.20 27.82
CA ARG B 121 -35.99 13.84 29.21
C ARG B 121 -35.08 14.86 29.85
N SER B 122 -34.12 15.40 29.09
CA SER B 122 -33.18 16.39 29.60
C SER B 122 -33.26 17.74 28.91
N LYS B 123 -33.78 17.80 27.68
CA LYS B 123 -33.89 19.05 26.95
C LYS B 123 -35.28 19.64 27.14
N THR B 124 -35.33 20.96 27.27
CA THR B 124 -36.58 21.68 27.46
C THR B 124 -36.88 22.53 26.24
N PRO B 125 -38.09 22.44 25.67
CA PRO B 125 -38.43 23.29 24.53
C PRO B 125 -38.35 24.76 24.89
N ARG B 126 -37.95 25.57 23.91
CA ARG B 126 -37.81 27.01 24.11
C ARG B 126 -38.17 27.73 22.83
N VAL B 127 -38.21 29.06 22.92
CA VAL B 127 -38.56 29.93 21.80
C VAL B 127 -37.27 30.48 21.20
N CYS B 128 -37.11 30.34 19.89
CA CYS B 128 -35.94 30.86 19.21
C CYS B 128 -36.13 32.33 18.86
N THR B 129 -35.10 33.12 19.10
CA THR B 129 -35.16 34.57 18.96
C THR B 129 -34.91 34.99 17.51
N LYS B 130 -35.09 36.28 17.25
CA LYS B 130 -34.74 36.83 15.94
C LYS B 130 -33.24 37.01 15.81
N GLU B 131 -32.54 37.22 16.93
CA GLU B 131 -31.08 37.33 16.90
C GLU B 131 -30.46 36.02 16.42
N GLU B 132 -30.98 34.88 16.88
CA GLU B 132 -30.50 33.60 16.37
C GLU B 132 -30.78 33.46 14.88
N PHE B 133 -31.96 33.89 14.45
CA PHE B 133 -32.31 33.79 13.03
C PHE B 133 -31.39 34.66 12.18
N ILE B 134 -31.05 35.86 12.67
CA ILE B 134 -30.15 36.73 11.93
C ILE B 134 -28.77 36.11 11.80
N ALA B 135 -28.29 35.47 12.87
CA ALA B 135 -26.96 34.86 12.84
C ALA B 135 -26.89 33.74 11.80
N LYS B 136 -27.93 32.91 11.70
CA LYS B 136 -27.91 31.82 10.73
C LYS B 136 -27.97 32.36 9.29
N VAL B 137 -28.76 33.42 9.07
CA VAL B 137 -28.84 34.01 7.74
C VAL B 137 -27.51 34.64 7.33
N ASN B 138 -26.91 35.40 8.24
CA ASN B 138 -25.63 36.04 7.94
C ASN B 138 -24.54 35.01 7.68
N SER B 139 -24.50 33.94 8.48
CA SER B 139 -23.65 32.81 8.18
C SER B 139 -24.23 32.03 7.00
N HIS B 140 -23.46 31.06 6.51
CA HIS B 140 -23.91 30.25 5.39
C HIS B 140 -25.02 29.30 5.85
N ALA B 141 -26.24 29.58 5.41
CA ALA B 141 -27.38 28.70 5.68
C ALA B 141 -28.41 28.89 4.59
N ALA B 142 -29.26 27.87 4.40
CA ALA B 142 -30.28 27.87 3.37
C ALA B 142 -31.64 27.63 3.99
N LEU B 143 -32.55 28.57 3.78
CA LEU B 143 -33.93 28.43 4.23
C LEU B 143 -34.92 28.80 3.13
N ASN B 151 -39.60 39.89 -2.67
CA ASN B 151 -40.35 41.13 -2.52
C ASN B 151 -39.54 42.33 -3.01
N ARG B 152 -38.89 43.02 -2.07
CA ARG B 152 -38.10 44.21 -2.37
C ARG B 152 -36.61 44.02 -2.13
N TRP B 153 -36.24 43.24 -1.12
CA TRP B 153 -34.83 43.08 -0.76
C TRP B 153 -34.09 42.26 -1.83
N ALA B 154 -32.78 42.48 -1.88
CA ALA B 154 -31.94 41.73 -2.82
C ALA B 154 -31.60 40.35 -2.26
N SER B 155 -30.93 40.34 -1.10
CA SER B 155 -30.55 39.10 -0.43
C SER B 155 -31.31 38.95 0.88
N ALA B 156 -31.28 37.73 1.41
CA ALA B 156 -31.92 37.48 2.71
C ALA B 156 -31.28 38.30 3.82
N ARG B 157 -29.97 38.56 3.72
CA ARG B 157 -29.29 39.37 4.72
C ARG B 157 -29.82 40.79 4.72
N GLU B 158 -30.10 41.35 3.53
CA GLU B 158 -30.68 42.68 3.47
C GLU B 158 -32.08 42.72 4.09
N ALA B 159 -32.82 41.61 4.03
CA ALA B 159 -34.15 41.57 4.60
C ALA B 159 -34.12 41.65 6.12
N VAL B 160 -33.22 40.89 6.75
CA VAL B 160 -33.15 40.90 8.21
C VAL B 160 -32.60 42.20 8.74
N GLU B 161 -31.97 43.01 7.89
CA GLU B 161 -31.52 44.34 8.27
C GLU B 161 -32.61 45.40 8.08
N ASP B 162 -33.71 45.06 7.42
CA ASP B 162 -34.77 46.01 7.16
C ASP B 162 -35.78 45.99 8.30
N PRO B 163 -35.96 47.08 9.04
CA PRO B 163 -36.96 47.07 10.12
C PRO B 163 -38.38 46.79 9.64
N ALA B 164 -38.72 47.19 8.41
CA ALA B 164 -40.05 46.91 7.89
C ALA B 164 -40.30 45.42 7.73
N PHE B 165 -39.25 44.65 7.43
CA PHE B 165 -39.41 43.20 7.30
C PHE B 165 -39.89 42.58 8.60
N TRP B 166 -39.26 42.96 9.72
CA TRP B 166 -39.66 42.41 11.01
C TRP B 166 -41.03 42.92 11.45
N GLU B 167 -41.47 44.06 10.93
CA GLU B 167 -42.84 44.50 11.20
C GLU B 167 -43.85 43.60 10.51
N MET B 168 -43.51 43.10 9.31
CA MET B 168 -44.39 42.13 8.65
C MET B 168 -44.46 40.84 9.45
N VAL B 169 -43.35 40.44 10.06
CA VAL B 169 -43.36 39.26 10.94
C VAL B 169 -44.27 39.51 12.13
N ASP B 170 -44.15 40.69 12.76
CA ASP B 170 -45.00 41.03 13.89
C ASP B 170 -46.47 41.08 13.48
N ARG B 171 -46.75 41.60 12.28
CA ARG B 171 -48.12 41.65 11.79
C ARG B 171 -48.70 40.24 11.67
N GLU B 172 -47.92 39.30 11.12
CA GLU B 172 -48.40 37.93 10.98
C GLU B 172 -48.33 37.16 12.29
N ARG B 173 -47.37 37.48 13.17
CA ARG B 173 -47.28 36.78 14.44
C ARG B 173 -48.51 37.00 15.30
N GLU B 174 -49.01 38.24 15.36
CA GLU B 174 -50.23 38.51 16.12
C GLU B 174 -51.42 37.83 15.48
N ALA B 175 -51.46 37.77 14.15
CA ALA B 175 -52.54 37.06 13.47
C ALA B 175 -52.59 35.59 13.89
N HIS B 176 -51.41 34.97 14.06
CA HIS B 176 -51.37 33.61 14.59
C HIS B 176 -51.97 33.55 15.99
N LEU B 177 -51.60 34.51 16.85
CA LEU B 177 -52.15 34.55 18.19
C LEU B 177 -53.65 34.82 18.19
N GLN B 178 -54.17 35.43 17.12
CA GLN B 178 -55.59 35.71 16.99
C GLN B 178 -56.33 34.64 16.20
N GLY B 179 -55.66 33.54 15.86
CA GLY B 179 -56.32 32.45 15.18
C GLY B 179 -56.47 32.61 13.68
N ARG B 180 -55.60 33.40 13.05
CA ARG B 180 -55.65 33.62 11.61
C ARG B 180 -54.26 33.49 11.01
N CYS B 181 -54.22 33.20 9.71
CA CYS B 181 -52.98 33.09 8.96
C CYS B 181 -53.18 33.71 7.59
N GLU B 182 -52.23 34.54 7.17
CA GLU B 182 -52.37 35.28 5.92
C GLU B 182 -51.23 35.05 4.94
N MET B 183 -49.99 34.93 5.41
CA MET B 183 -48.84 34.90 4.52
C MET B 183 -48.00 33.63 4.64
N CYS B 184 -48.43 32.65 5.43
CA CYS B 184 -47.69 31.39 5.58
C CYS B 184 -48.09 30.46 4.43
N THR B 185 -47.59 30.77 3.25
CA THR B 185 -47.85 29.99 2.04
C THR B 185 -46.55 29.51 1.44
N TYR B 186 -46.51 28.25 1.02
CA TYR B 186 -45.33 27.68 0.40
C TYR B 186 -45.26 28.02 -1.07
N ASN B 187 -44.03 28.09 -1.59
CA ASN B 187 -43.76 28.27 -3.00
C ASN B 187 -43.06 27.04 -3.55
N MET B 188 -43.62 26.44 -4.59
CA MET B 188 -42.95 25.36 -5.30
C MET B 188 -42.34 25.95 -6.56
N MET B 189 -41.02 26.11 -6.54
CA MET B 189 -40.30 26.67 -7.67
C MET B 189 -39.73 25.60 -8.61
N GLY B 190 -40.03 24.33 -8.35
CA GLY B 190 -39.60 23.28 -9.25
C GLY B 190 -39.06 22.05 -8.57
N LYS B 191 -38.12 21.38 -9.23
CA LYS B 191 -37.55 20.13 -8.75
C LYS B 191 -36.13 19.98 -9.26
N ARG B 192 -35.26 19.44 -8.40
CA ARG B 192 -33.90 19.09 -8.79
C ARG B 192 -33.66 17.62 -8.46
N GLU B 193 -32.73 17.01 -9.19
CA GLU B 193 -32.37 15.62 -8.93
C GLU B 193 -31.72 15.54 -7.55
N LYS B 194 -32.44 14.98 -6.59
CA LYS B 194 -31.98 14.98 -5.20
C LYS B 194 -30.67 14.22 -5.05
N LYS B 195 -30.50 13.14 -5.82
CA LYS B 195 -29.31 12.31 -5.75
C LYS B 195 -28.90 11.88 -7.15
N MET B 196 -27.61 11.73 -7.35
CA MET B 196 -27.08 11.25 -8.63
C MET B 196 -26.69 9.78 -8.54
N SER B 205 -36.65 13.17 -8.63
CA SER B 205 -37.68 14.14 -8.97
C SER B 205 -38.23 14.83 -7.71
N ARG B 206 -37.32 15.14 -6.79
CA ARG B 206 -37.71 15.76 -5.52
C ARG B 206 -38.19 17.19 -5.77
N ALA B 207 -39.45 17.45 -5.43
CA ALA B 207 -40.01 18.78 -5.55
C ALA B 207 -39.50 19.67 -4.40
N ILE B 208 -39.07 20.88 -4.74
CA ILE B 208 -38.54 21.82 -3.77
C ILE B 208 -39.62 22.83 -3.41
N TRP B 209 -39.72 23.17 -2.13
CA TRP B 209 -40.72 24.09 -1.62
C TRP B 209 -40.01 25.22 -0.89
N TYR B 210 -40.25 26.45 -1.33
CA TYR B 210 -39.76 27.64 -0.63
C TYR B 210 -40.91 28.30 0.13
N MET B 211 -40.54 29.24 1.00
CA MET B 211 -41.51 30.00 1.76
C MET B 211 -40.91 31.35 2.14
N TRP B 212 -41.78 32.34 2.30
CA TRP B 212 -41.33 33.69 2.64
C TRP B 212 -40.58 33.69 3.97
N LEU B 213 -39.55 34.53 4.06
CA LEU B 213 -38.65 34.50 5.21
C LEU B 213 -39.39 34.78 6.50
N GLY B 214 -40.35 35.72 6.47
CA GLY B 214 -41.11 36.02 7.68
C GLY B 214 -41.83 34.80 8.22
N SER B 215 -42.45 34.01 7.33
CA SER B 215 -43.05 32.76 7.75
C SER B 215 -41.99 31.76 8.22
N ARG B 216 -40.80 31.78 7.60
CA ARG B 216 -39.74 30.89 8.03
C ARG B 216 -39.27 31.21 9.44
N TYR B 217 -39.11 32.50 9.76
CA TYR B 217 -38.70 32.88 11.11
C TYR B 217 -39.73 32.45 12.13
N LEU B 218 -41.02 32.69 11.86
CA LEU B 218 -42.07 32.24 12.77
C LEU B 218 -41.98 30.74 12.98
N GLU B 219 -41.70 29.98 11.93
CA GLU B 219 -41.42 28.56 12.09
C GLU B 219 -40.14 28.33 12.88
N PHE B 220 -39.08 29.09 12.57
CA PHE B 220 -37.85 28.99 13.34
C PHE B 220 -38.07 29.41 14.79
N GLU B 221 -38.85 30.49 15.00
CA GLU B 221 -39.14 30.92 16.36
C GLU B 221 -39.94 29.87 17.12
N ALA B 222 -40.93 29.26 16.47
CA ALA B 222 -41.83 28.35 17.16
C ALA B 222 -41.23 26.96 17.34
N LEU B 223 -40.52 26.45 16.33
CA LEU B 223 -40.06 25.07 16.34
C LEU B 223 -38.56 24.92 16.11
N GLY B 224 -37.80 26.00 16.08
CA GLY B 224 -36.38 25.91 15.78
C GLY B 224 -35.55 25.24 16.85
N PHE B 225 -36.10 25.08 18.06
CA PHE B 225 -35.34 24.46 19.14
C PHE B 225 -35.01 23.01 18.82
N LEU B 226 -35.80 22.36 17.97
CA LEU B 226 -35.50 20.98 17.58
C LEU B 226 -34.16 20.88 16.87
N ASN B 227 -33.78 21.92 16.12
CA ASN B 227 -32.52 21.93 15.39
C ASN B 227 -31.40 22.59 16.20
N GLU B 228 -31.65 23.79 16.73
CA GLU B 228 -30.58 24.55 17.38
C GLU B 228 -30.12 23.88 18.68
N ASP B 229 -31.03 23.21 19.40
CA ASP B 229 -30.66 22.49 20.61
C ASP B 229 -30.30 21.05 20.35
N HIS B 230 -30.31 20.61 19.08
CA HIS B 230 -29.89 19.26 18.69
C HIS B 230 -30.72 18.19 19.39
N TRP B 231 -32.05 18.28 19.25
CA TRP B 231 -32.92 17.30 19.85
C TRP B 231 -32.75 15.92 19.23
N MET B 232 -32.28 15.86 17.98
CA MET B 232 -32.10 14.61 17.26
C MET B 232 -30.67 14.09 17.33
N SER B 233 -29.86 14.64 18.24
CA SER B 233 -28.49 14.18 18.38
C SER B 233 -28.46 12.72 18.87
N ARG B 234 -27.34 12.06 18.64
CA ARG B 234 -27.21 10.66 19.01
C ARG B 234 -27.23 10.48 20.53
N GLU B 235 -26.65 11.44 21.26
CA GLU B 235 -26.68 11.35 22.71
C GLU B 235 -28.07 11.61 23.29
N ASN B 236 -29.01 12.13 22.50
CA ASN B 236 -30.35 12.42 22.97
C ASN B 236 -31.39 11.43 22.49
N THR B 237 -31.23 10.88 21.27
CA THR B 237 -32.17 9.92 20.73
C THR B 237 -31.64 8.50 20.69
N LEU B 238 -30.30 8.32 20.69
CA LEU B 238 -29.64 7.02 20.66
C LEU B 238 -29.75 6.37 19.29
N GLY B 239 -30.53 6.96 18.39
CA GLY B 239 -30.66 6.44 17.04
C GLY B 239 -30.35 7.46 15.98
N GLY B 240 -30.54 8.74 16.32
CA GLY B 240 -30.23 9.80 15.39
C GLY B 240 -28.74 10.02 15.24
N VAL B 241 -28.37 10.70 14.16
CA VAL B 241 -26.96 11.00 13.90
C VAL B 241 -26.80 12.48 13.58
N GLU B 242 -27.74 13.30 14.05
CA GLU B 242 -27.67 14.73 13.78
C GLU B 242 -26.45 15.34 14.45
N GLY B 243 -25.81 16.28 13.74
CA GLY B 243 -24.63 16.94 14.26
C GLY B 243 -23.33 16.22 14.02
N LEU B 244 -23.37 15.03 13.43
CA LEU B 244 -22.17 14.24 13.15
C LEU B 244 -21.77 14.40 11.70
N GLY B 245 -20.49 14.62 11.46
CA GLY B 245 -20.00 14.75 10.10
C GLY B 245 -19.97 13.42 9.38
N LEU B 246 -19.72 13.50 8.07
CA LEU B 246 -19.66 12.29 7.25
C LEU B 246 -18.56 11.35 7.72
N GLN B 247 -17.49 11.89 8.28
CA GLN B 247 -16.42 11.06 8.81
C GLN B 247 -16.84 10.29 10.05
N LYS B 248 -17.87 10.76 10.76
CA LYS B 248 -18.32 10.09 11.98
C LYS B 248 -19.26 8.92 11.70
N LEU B 249 -20.00 8.98 10.59
CA LEU B 249 -21.06 8.00 10.35
C LEU B 249 -20.52 6.59 10.17
N GLY B 250 -19.34 6.45 9.57
CA GLY B 250 -18.81 5.12 9.31
C GLY B 250 -18.58 4.31 10.57
N TYR B 251 -18.01 4.95 11.60
CA TYR B 251 -17.82 4.26 12.87
C TYR B 251 -19.14 3.99 13.58
N VAL B 252 -20.18 4.76 13.29
CA VAL B 252 -21.49 4.52 13.90
C VAL B 252 -22.03 3.16 13.46
N LEU B 253 -21.93 2.87 12.15
CA LEU B 253 -22.41 1.58 11.66
C LEU B 253 -21.60 0.43 12.26
N ARG B 254 -20.28 0.59 12.37
CA ARG B 254 -19.47 -0.46 12.97
C ARG B 254 -19.82 -0.66 14.44
N ASP B 255 -20.13 0.42 15.16
CA ASP B 255 -20.54 0.29 16.55
C ASP B 255 -21.86 -0.44 16.68
N ILE B 256 -22.80 -0.19 15.76
CA ILE B 256 -24.08 -0.90 15.78
C ILE B 256 -23.85 -2.39 15.51
N ALA B 257 -22.96 -2.71 14.58
CA ALA B 257 -22.68 -4.11 14.26
C ALA B 257 -22.06 -4.85 15.44
N LYS B 258 -21.40 -4.13 16.36
CA LYS B 258 -20.85 -4.78 17.54
C LYS B 258 -21.95 -5.29 18.47
N ASN B 259 -23.14 -4.68 18.43
CA ASN B 259 -24.23 -5.10 19.28
C ASN B 259 -24.78 -6.45 18.84
N PRO B 260 -25.41 -7.19 19.75
CA PRO B 260 -26.11 -8.41 19.33
C PRO B 260 -27.33 -8.08 18.48
N GLY B 261 -27.69 -9.03 17.62
CA GLY B 261 -28.87 -8.87 16.80
C GLY B 261 -28.69 -9.59 15.48
N GLY B 262 -29.61 -9.31 14.55
CA GLY B 262 -29.61 -9.90 13.24
C GLY B 262 -28.89 -9.05 12.22
N LEU B 263 -29.30 -9.18 10.96
CA LEU B 263 -28.67 -8.46 9.87
C LEU B 263 -29.03 -6.97 9.94
N MET B 264 -28.32 -6.17 9.14
CA MET B 264 -28.57 -4.75 9.05
C MET B 264 -29.50 -4.46 7.89
N TYR B 265 -30.60 -3.77 8.17
CA TYR B 265 -31.61 -3.45 7.18
C TYR B 265 -31.63 -1.94 6.94
N ALA B 266 -31.52 -1.55 5.67
CA ALA B 266 -31.56 -0.15 5.25
C ALA B 266 -32.53 -0.06 4.08
N ASP B 267 -33.80 0.16 4.37
CA ASP B 267 -34.85 0.22 3.36
C ASP B 267 -35.29 1.65 3.16
N ASP B 268 -35.40 2.07 1.90
CA ASP B 268 -35.79 3.43 1.55
C ASP B 268 -37.29 3.49 1.28
N THR B 269 -37.96 4.45 1.89
CA THR B 269 -39.37 4.71 1.63
C THR B 269 -39.48 5.66 0.44
N ALA B 270 -40.10 5.19 -0.63
CA ALA B 270 -40.26 6.01 -1.83
C ALA B 270 -41.14 7.21 -1.53
N GLY B 271 -40.61 8.41 -1.79
CA GLY B 271 -41.37 9.63 -1.53
C GLY B 271 -41.76 9.79 -0.07
N TRP B 272 -40.79 9.69 0.83
CA TRP B 272 -41.08 9.72 2.26
C TRP B 272 -41.90 10.94 2.65
N ASP B 273 -41.53 12.12 2.14
CA ASP B 273 -42.29 13.32 2.44
C ASP B 273 -43.72 13.22 1.92
N THR B 274 -43.93 12.50 0.82
CA THR B 274 -45.28 12.25 0.32
C THR B 274 -46.02 11.23 1.17
N ARG B 275 -45.30 10.41 1.94
CA ARG B 275 -45.91 9.36 2.74
C ARG B 275 -46.22 9.80 4.17
N ILE B 276 -46.03 11.07 4.49
CA ILE B 276 -46.36 11.58 5.83
C ILE B 276 -47.87 11.80 5.89
N THR B 277 -48.54 11.04 6.76
CA THR B 277 -49.99 11.09 6.86
C THR B 277 -50.42 12.17 7.85
N LYS B 278 -51.74 12.40 7.90
CA LYS B 278 -52.28 13.36 8.87
C LYS B 278 -52.11 12.86 10.31
N ALA B 279 -52.11 11.55 10.52
CA ALA B 279 -51.83 11.02 11.84
C ALA B 279 -50.38 11.25 12.25
N ASP B 280 -49.46 11.18 11.28
CA ASP B 280 -48.06 11.45 11.56
C ASP B 280 -47.87 12.90 12.03
N LEU B 281 -48.53 13.85 11.36
CA LEU B 281 -48.42 15.24 11.78
C LEU B 281 -48.96 15.44 13.19
N GLU B 282 -50.09 14.80 13.51
CA GLU B 282 -50.64 14.89 14.86
C GLU B 282 -49.69 14.31 15.90
N ASN B 283 -49.08 13.17 15.59
CA ASN B 283 -48.14 12.55 16.54
C ASN B 283 -46.92 13.43 16.74
N GLU B 284 -46.49 14.17 15.71
CA GLU B 284 -45.39 15.11 15.88
C GLU B 284 -45.81 16.37 16.62
N SER B 285 -47.11 16.68 16.65
CA SER B 285 -47.60 17.88 17.32
C SER B 285 -47.64 17.75 18.82
N ILE B 286 -47.36 16.57 19.37
CA ILE B 286 -47.42 16.33 20.81
C ILE B 286 -46.42 17.17 21.59
N VAL B 287 -45.43 17.77 20.91
CA VAL B 287 -44.48 18.65 21.59
C VAL B 287 -45.19 19.82 22.24
N LEU B 288 -46.34 20.23 21.69
CA LEU B 288 -47.10 21.32 22.29
C LEU B 288 -47.46 21.03 23.74
N GLU B 289 -47.56 19.74 24.09
CA GLU B 289 -47.77 19.36 25.48
C GLU B 289 -46.53 19.59 26.33
N MET B 290 -45.35 19.67 25.72
CA MET B 290 -44.10 19.87 26.45
C MET B 290 -43.67 21.33 26.52
N MET B 291 -44.49 22.25 26.04
CA MET B 291 -44.15 23.66 25.99
C MET B 291 -44.85 24.43 27.11
N THR B 292 -44.35 25.63 27.35
CA THR B 292 -45.04 26.57 28.24
C THR B 292 -46.28 27.10 27.54
N PRO B 293 -47.26 27.61 28.32
CA PRO B 293 -48.45 28.19 27.68
C PRO B 293 -48.13 29.33 26.73
N GLU B 294 -47.10 30.12 27.02
CA GLU B 294 -46.70 31.18 26.10
C GLU B 294 -46.03 30.61 24.85
N HIS B 295 -45.15 29.63 25.02
CA HIS B 295 -44.50 29.00 23.87
C HIS B 295 -45.51 28.26 23.00
N ARG B 296 -46.45 27.56 23.63
CA ARG B 296 -47.46 26.83 22.86
C ARG B 296 -48.35 27.77 22.07
N ALA B 297 -48.64 28.95 22.63
CA ALA B 297 -49.52 29.90 21.96
C ALA B 297 -48.95 30.40 20.64
N LEU B 298 -47.63 30.26 20.43
CA LEU B 298 -46.99 30.61 19.17
C LEU B 298 -46.85 29.42 18.23
N ALA B 299 -46.55 28.23 18.75
CA ALA B 299 -46.37 27.06 17.90
C ALA B 299 -47.68 26.43 17.48
N GLU B 300 -48.71 26.49 18.34
CA GLU B 300 -50.00 25.90 17.99
C GLU B 300 -50.61 26.50 16.73
N PRO B 301 -50.70 27.83 16.57
CA PRO B 301 -51.26 28.36 15.31
C PRO B 301 -50.44 27.97 14.09
N LEU B 302 -49.12 27.92 14.23
CA LEU B 302 -48.26 27.66 13.07
C LEU B 302 -48.43 26.23 12.57
N ILE B 303 -48.43 25.26 13.48
CA ILE B 303 -48.57 23.86 13.06
C ILE B 303 -49.91 23.64 12.37
N LYS B 304 -50.99 24.18 12.94
CA LYS B 304 -52.31 24.02 12.34
C LYS B 304 -52.41 24.71 11.00
N PHE B 305 -51.85 25.92 10.88
CA PHE B 305 -52.03 26.73 9.68
C PHE B 305 -50.97 26.47 8.62
N ALA B 306 -49.71 26.31 9.01
CA ALA B 306 -48.64 26.16 8.02
C ALA B 306 -48.48 24.73 7.53
N TYR B 307 -48.53 23.75 8.44
CA TYR B 307 -48.33 22.36 8.06
C TYR B 307 -49.64 21.66 7.74
N MET B 308 -50.59 21.69 8.69
CA MET B 308 -51.81 20.89 8.56
C MET B 308 -52.78 21.47 7.54
N ASN B 309 -52.63 22.74 7.15
CA ASN B 309 -53.42 23.31 6.05
C ASN B 309 -52.48 24.13 5.17
N LYS B 310 -51.82 23.46 4.24
CA LYS B 310 -50.87 24.13 3.37
C LYS B 310 -51.58 24.95 2.31
N VAL B 311 -50.98 26.07 1.93
CA VAL B 311 -51.38 26.84 0.76
C VAL B 311 -50.15 27.01 -0.11
N VAL B 312 -50.20 26.49 -1.33
CA VAL B 312 -49.03 26.39 -2.19
C VAL B 312 -49.29 27.13 -3.50
N LYS B 313 -48.27 27.83 -3.98
CA LYS B 313 -48.30 28.49 -5.27
C LYS B 313 -47.40 27.72 -6.22
N VAL B 314 -47.95 27.30 -7.36
CA VAL B 314 -47.25 26.48 -8.34
C VAL B 314 -47.38 27.13 -9.70
N MET B 315 -46.30 27.09 -10.48
CA MET B 315 -46.31 27.63 -11.83
C MET B 315 -46.82 26.56 -12.81
N ARG B 316 -47.81 26.93 -13.61
CA ARG B 316 -48.40 26.05 -14.60
C ARG B 316 -48.32 26.71 -15.98
N PRO B 317 -47.93 25.98 -17.01
CA PRO B 317 -47.84 26.57 -18.35
C PRO B 317 -49.19 27.15 -18.79
N GLY B 318 -49.13 28.37 -19.34
CA GLY B 318 -50.33 29.09 -19.68
C GLY B 318 -50.87 28.73 -21.05
N ALA B 319 -51.97 29.40 -21.42
CA ALA B 319 -52.63 29.20 -22.70
C ALA B 319 -52.23 30.34 -23.64
N ASP B 320 -51.59 29.99 -24.75
CA ASP B 320 -51.14 30.92 -25.79
C ASP B 320 -50.37 32.13 -25.23
N GLY B 321 -49.85 32.02 -24.02
CA GLY B 321 -49.23 33.15 -23.37
C GLY B 321 -48.04 32.80 -22.51
N ILE B 322 -48.05 33.29 -21.28
CA ILE B 322 -46.93 33.14 -20.35
C ILE B 322 -47.43 32.38 -19.13
N THR B 323 -46.54 32.17 -18.15
CA THR B 323 -46.81 31.27 -17.04
C THR B 323 -47.99 31.74 -16.20
N VAL B 324 -48.64 30.77 -15.56
CA VAL B 324 -49.79 31.01 -14.69
C VAL B 324 -49.50 30.40 -13.34
N MET B 325 -49.82 31.14 -12.28
CA MET B 325 -49.56 30.71 -10.90
C MET B 325 -50.87 30.23 -10.27
N ASP B 326 -50.90 28.95 -9.89
CA ASP B 326 -52.09 28.36 -9.28
C ASP B 326 -51.98 28.39 -7.76
N VAL B 327 -53.15 28.44 -7.10
CA VAL B 327 -53.25 28.43 -5.64
C VAL B 327 -54.02 27.19 -5.24
N ILE B 328 -53.42 26.36 -4.38
CA ILE B 328 -53.98 25.07 -3.99
C ILE B 328 -53.73 24.84 -2.51
N SER B 329 -54.32 23.76 -2.00
CA SER B 329 -54.23 23.45 -0.57
C SER B 329 -54.45 21.96 -0.34
N ARG B 330 -53.89 21.47 0.77
CA ARG B 330 -54.09 20.10 1.23
C ARG B 330 -53.90 20.07 2.75
N GLU B 331 -53.80 18.87 3.31
CA GLU B 331 -53.79 18.72 4.77
C GLU B 331 -52.69 17.84 5.35
N ASP B 332 -52.05 16.97 4.56
CA ASP B 332 -51.32 15.86 5.18
C ASP B 332 -49.81 15.88 4.96
N GLN B 333 -49.33 16.21 3.76
CA GLN B 333 -47.97 15.86 3.38
C GLN B 333 -46.94 16.65 4.19
N ARG B 334 -45.67 16.37 3.93
CA ARG B 334 -44.57 17.10 4.51
C ARG B 334 -44.19 18.27 3.61
N GLY B 335 -43.90 19.42 4.21
CA GLY B 335 -43.61 20.60 3.42
C GLY B 335 -42.36 20.43 2.57
N SER B 336 -41.37 19.69 3.06
CA SER B 336 -40.04 19.49 2.47
C SER B 336 -39.27 20.79 2.30
N GLY B 337 -39.83 21.92 2.73
CA GLY B 337 -39.11 23.19 2.77
C GLY B 337 -39.32 23.83 4.13
N GLN B 338 -39.39 23.00 5.16
CA GLN B 338 -39.63 23.44 6.51
C GLN B 338 -38.32 23.39 7.31
N VAL B 339 -38.22 24.28 8.29
CA VAL B 339 -37.01 24.36 9.11
C VAL B 339 -36.80 23.07 9.89
N VAL B 340 -37.87 22.34 10.18
CA VAL B 340 -37.80 21.14 11.00
C VAL B 340 -38.16 19.88 10.21
N THR B 341 -38.02 19.92 8.88
CA THR B 341 -38.30 18.73 8.09
C THR B 341 -37.36 17.59 8.47
N TYR B 342 -36.07 17.89 8.62
CA TYR B 342 -35.12 16.84 9.00
C TYR B 342 -35.37 16.35 10.42
N ALA B 343 -35.66 17.27 11.34
CA ALA B 343 -35.88 16.87 12.74
C ALA B 343 -37.13 16.00 12.87
N LEU B 344 -38.21 16.38 12.20
CA LEU B 344 -39.46 15.64 12.35
C LEU B 344 -39.43 14.32 11.57
N ASN B 345 -38.79 14.30 10.41
CA ASN B 345 -38.64 13.04 9.67
C ASN B 345 -37.83 12.04 10.49
N THR B 346 -36.78 12.50 11.16
CA THR B 346 -36.00 11.60 12.02
C THR B 346 -36.85 11.06 13.16
N PHE B 347 -37.66 11.92 13.78
CA PHE B 347 -38.51 11.47 14.88
C PHE B 347 -39.51 10.42 14.42
N THR B 348 -40.26 10.72 13.36
CA THR B 348 -41.27 9.77 12.87
C THR B 348 -40.63 8.47 12.39
N ASN B 349 -39.51 8.57 11.68
CA ASN B 349 -38.83 7.37 11.20
C ASN B 349 -38.35 6.50 12.34
N LEU B 350 -37.84 7.13 13.41
CA LEU B 350 -37.49 6.36 14.61
C LEU B 350 -38.70 5.66 15.19
N CYS B 351 -39.84 6.35 15.24
CA CYS B 351 -41.08 5.71 15.70
C CYS B 351 -41.49 4.59 14.76
N VAL B 352 -41.32 4.81 13.45
CA VAL B 352 -41.71 3.80 12.46
C VAL B 352 -40.89 2.53 12.64
N GLN B 353 -39.58 2.68 12.82
CA GLN B 353 -38.71 1.51 12.96
C GLN B 353 -39.00 0.76 14.25
N LEU B 354 -39.32 1.48 15.34
CA LEU B 354 -39.68 0.81 16.57
C LEU B 354 -40.96 0.00 16.41
N ILE B 355 -41.93 0.53 15.66
CA ILE B 355 -43.17 -0.19 15.44
C ILE B 355 -42.91 -1.45 14.64
N ARG B 356 -42.07 -1.37 13.61
CA ARG B 356 -41.75 -2.55 12.80
C ARG B 356 -41.03 -3.59 13.62
N CYS B 357 -40.16 -3.16 14.54
CA CYS B 357 -39.49 -4.11 15.44
C CYS B 357 -40.49 -4.85 16.32
N MET B 358 -41.49 -4.13 16.83
CA MET B 358 -42.48 -4.77 17.69
C MET B 358 -43.27 -5.83 16.95
N GLU B 359 -43.64 -5.57 15.69
CA GLU B 359 -44.27 -6.60 14.88
C GLU B 359 -43.30 -7.75 14.62
N GLY B 360 -42.03 -7.44 14.39
CA GLY B 360 -41.04 -8.49 14.17
C GLY B 360 -40.85 -9.40 15.37
N GLU B 361 -40.98 -8.85 16.58
CA GLU B 361 -40.80 -9.61 17.79
C GLU B 361 -42.10 -10.27 18.28
N GLY B 362 -43.19 -10.13 17.53
CA GLY B 362 -44.44 -10.77 17.87
C GLY B 362 -45.35 -9.96 18.77
N LEU B 363 -44.90 -8.81 19.26
CA LEU B 363 -45.75 -7.99 20.11
C LEU B 363 -46.96 -7.46 19.36
N LEU B 364 -46.86 -7.33 18.03
CA LEU B 364 -47.95 -6.86 17.19
C LEU B 364 -48.27 -7.91 16.15
N LYS B 365 -49.50 -8.40 16.16
CA LYS B 365 -49.96 -9.38 15.17
C LYS B 365 -50.44 -8.67 13.91
N PRO B 366 -50.41 -9.35 12.76
CA PRO B 366 -50.94 -8.72 11.53
C PRO B 366 -52.41 -8.38 11.63
N GLU B 367 -53.17 -9.09 12.46
CA GLU B 367 -54.59 -8.79 12.63
C GLU B 367 -54.82 -7.53 13.46
N GLU B 368 -53.85 -7.11 14.27
CA GLU B 368 -54.01 -5.95 15.13
C GLU B 368 -53.93 -4.63 14.37
N VAL B 369 -53.74 -4.67 13.05
CA VAL B 369 -53.69 -3.45 12.25
C VAL B 369 -55.04 -2.74 12.29
N GLU B 370 -56.12 -3.49 12.08
CA GLU B 370 -57.46 -2.88 12.05
C GLU B 370 -57.97 -2.56 13.44
N LYS B 371 -57.56 -3.31 14.46
CA LYS B 371 -58.02 -3.10 15.82
C LYS B 371 -57.02 -3.73 16.78
N LEU B 372 -56.54 -2.95 17.75
CA LEU B 372 -55.59 -3.47 18.70
C LEU B 372 -56.29 -4.38 19.72
N GLU B 373 -55.50 -5.27 20.33
CA GLU B 373 -56.05 -6.18 21.32
C GLU B 373 -56.40 -5.43 22.61
N ARG B 374 -57.04 -6.15 23.53
CA ARG B 374 -57.57 -5.54 24.74
C ARG B 374 -56.47 -4.89 25.58
N GLY B 375 -55.41 -5.64 25.86
CA GLY B 375 -54.33 -5.16 26.71
C GLY B 375 -53.06 -4.76 26.01
N LYS B 376 -53.07 -4.62 24.69
CA LYS B 376 -51.82 -4.43 23.95
C LYS B 376 -51.22 -3.06 24.20
N GLN B 377 -52.03 -2.06 24.54
CA GLN B 377 -51.51 -0.70 24.68
C GLN B 377 -50.50 -0.59 25.81
N ARG B 378 -50.82 -1.16 26.98
CA ARG B 378 -49.85 -1.16 28.07
C ARG B 378 -48.66 -2.06 27.76
N LYS B 379 -48.90 -3.16 27.05
CA LYS B 379 -47.80 -4.03 26.64
C LYS B 379 -46.84 -3.30 25.72
N ILE B 380 -47.37 -2.48 24.81
CA ILE B 380 -46.51 -1.64 23.97
C ILE B 380 -45.71 -0.68 24.84
N GLN B 381 -46.36 -0.05 25.81
CA GLN B 381 -45.65 0.86 26.71
C GLN B 381 -44.57 0.13 27.49
N ASP B 382 -44.86 -1.09 27.95
CA ASP B 382 -43.89 -1.86 28.71
C ASP B 382 -42.70 -2.26 27.83
N TRP B 383 -42.97 -2.69 26.60
CA TRP B 383 -41.87 -3.07 25.70
C TRP B 383 -40.97 -1.89 25.39
N LEU B 384 -41.56 -0.71 25.14
CA LEU B 384 -40.76 0.48 24.92
C LEU B 384 -39.95 0.84 26.15
N ASP B 385 -40.55 0.72 27.34
CA ASP B 385 -39.82 1.01 28.57
C ASP B 385 -38.67 0.03 28.78
N LYS B 386 -38.81 -1.21 28.30
CA LYS B 386 -37.80 -2.25 28.50
C LYS B 386 -36.83 -2.40 27.35
N ASN B 387 -37.30 -2.32 26.11
CA ASN B 387 -36.47 -2.56 24.94
C ASN B 387 -36.25 -1.32 24.10
N GLY B 388 -36.90 -0.20 24.41
CA GLY B 388 -36.77 0.98 23.59
C GLY B 388 -35.34 1.52 23.53
N THR B 389 -34.67 1.55 24.69
CA THR B 389 -33.29 2.03 24.71
C THR B 389 -32.37 1.14 23.89
N GLU B 390 -32.50 -0.19 24.06
CA GLU B 390 -31.62 -1.09 23.33
C GLU B 390 -31.88 -1.06 21.84
N ARG B 391 -33.15 -1.02 21.43
CA ARG B 391 -33.47 -1.01 20.00
C ARG B 391 -32.98 0.28 19.35
N LEU B 392 -33.15 1.42 20.02
CA LEU B 392 -32.72 2.70 19.44
C LEU B 392 -31.21 2.74 19.25
N ALA B 393 -30.45 2.23 20.22
CA ALA B 393 -29.00 2.26 20.12
C ALA B 393 -28.48 1.50 18.91
N SER B 394 -29.22 0.47 18.48
CA SER B 394 -28.85 -0.30 17.28
C SER B 394 -29.49 0.27 16.02
N MET B 395 -29.77 1.57 16.00
CA MET B 395 -30.36 2.24 14.86
C MET B 395 -29.50 3.42 14.44
N ALA B 396 -29.65 3.81 13.17
CA ALA B 396 -28.97 4.99 12.63
C ALA B 396 -29.96 5.64 11.67
N VAL B 397 -30.62 6.70 12.13
CA VAL B 397 -31.66 7.37 11.36
C VAL B 397 -31.22 8.81 11.10
N SER B 398 -31.16 9.18 9.82
CA SER B 398 -30.86 10.55 9.39
C SER B 398 -31.95 10.94 8.41
N GLY B 399 -32.96 11.66 8.90
CA GLY B 399 -34.10 12.00 8.06
C GLY B 399 -34.87 10.76 7.66
N ASP B 400 -34.98 10.53 6.35
CA ASP B 400 -35.67 9.35 5.83
C ASP B 400 -34.73 8.17 5.58
N ASP B 401 -33.45 8.30 5.91
CA ASP B 401 -32.52 7.18 5.81
C ASP B 401 -32.43 6.48 7.16
N CYS B 402 -32.64 5.16 7.17
CA CYS B 402 -32.63 4.39 8.40
C CYS B 402 -31.76 3.15 8.23
N VAL B 403 -31.06 2.79 9.31
CA VAL B 403 -30.34 1.53 9.41
C VAL B 403 -30.72 0.89 10.73
N VAL B 404 -31.21 -0.34 10.69
CA VAL B 404 -31.70 -1.03 11.87
C VAL B 404 -31.01 -2.37 11.98
N LYS B 405 -30.48 -2.68 13.16
CA LYS B 405 -30.01 -4.02 13.49
C LYS B 405 -30.98 -4.61 14.51
N PRO B 406 -32.02 -5.32 14.06
CA PRO B 406 -33.07 -5.77 14.96
C PRO B 406 -32.65 -6.90 15.87
N LYS B 407 -33.58 -7.36 16.73
CA LYS B 407 -33.29 -8.45 17.64
C LYS B 407 -32.97 -9.73 16.88
N ASP B 408 -33.74 -10.03 15.84
CA ASP B 408 -33.49 -11.19 14.99
C ASP B 408 -33.93 -10.83 13.57
N ASP B 409 -33.92 -11.82 12.68
CA ASP B 409 -34.21 -11.60 11.27
C ASP B 409 -35.70 -11.71 10.93
N ARG B 410 -36.56 -11.87 11.95
CA ARG B 410 -38.00 -11.76 11.71
C ARG B 410 -38.40 -10.34 11.31
N PHE B 411 -37.52 -9.37 11.54
CA PHE B 411 -37.74 -7.99 11.09
C PHE B 411 -37.95 -7.93 9.58
N ALA B 412 -37.38 -8.89 8.83
CA ALA B 412 -37.54 -8.89 7.38
C ALA B 412 -38.98 -9.13 6.96
N THR B 413 -39.78 -9.78 7.81
CA THR B 413 -41.15 -10.14 7.48
C THR B 413 -42.18 -9.34 8.27
N ALA B 414 -41.77 -8.24 8.91
CA ALA B 414 -42.68 -7.39 9.66
C ALA B 414 -43.18 -6.22 8.80
N LEU B 415 -43.79 -6.59 7.68
CA LEU B 415 -44.20 -5.63 6.66
C LEU B 415 -45.65 -5.16 6.79
N HIS B 416 -46.39 -5.66 7.79
CA HIS B 416 -47.80 -5.31 7.89
C HIS B 416 -47.99 -3.90 8.43
N PHE B 417 -47.53 -3.65 9.66
CA PHE B 417 -47.66 -2.31 10.24
C PHE B 417 -46.85 -1.29 9.47
N LEU B 418 -45.73 -1.70 8.85
CA LEU B 418 -44.96 -0.79 8.02
C LEU B 418 -45.76 -0.31 6.83
N ASN B 419 -46.40 -1.25 6.11
CA ASN B 419 -47.19 -0.87 4.94
C ASN B 419 -48.48 -0.19 5.35
N SER B 420 -49.01 -0.49 6.55
CA SER B 420 -50.22 0.17 7.01
C SER B 420 -49.97 1.65 7.26
N MET B 421 -48.79 2.00 7.76
CA MET B 421 -48.40 3.39 7.98
C MET B 421 -48.03 4.10 6.69
N SER B 422 -48.28 3.48 5.53
CA SER B 422 -48.03 4.07 4.22
C SER B 422 -46.54 4.30 3.95
N LYS B 423 -45.67 3.68 4.75
CA LYS B 423 -44.23 3.79 4.54
C LYS B 423 -43.74 2.64 3.63
N ILE B 424 -44.24 2.68 2.39
CA ILE B 424 -43.96 1.61 1.45
C ILE B 424 -42.50 1.69 0.98
N ARG B 425 -41.84 0.54 0.95
CA ARG B 425 -40.46 0.48 0.52
C ARG B 425 -40.34 0.72 -0.98
N LYS B 426 -39.14 1.04 -1.42
CA LYS B 426 -38.86 1.39 -2.81
C LYS B 426 -38.20 0.22 -3.54
N ASP B 427 -38.54 0.07 -4.81
CA ASP B 427 -37.91 -0.91 -5.70
C ASP B 427 -38.03 -2.33 -5.17
N ILE B 428 -39.21 -2.67 -4.65
CA ILE B 428 -39.44 -4.01 -4.11
C ILE B 428 -40.95 -4.23 -4.04
N PRO B 429 -41.44 -5.47 -4.23
CA PRO B 429 -42.87 -5.71 -4.05
C PRO B 429 -43.31 -5.38 -2.63
N GLU B 430 -44.57 -4.95 -2.52
CA GLU B 430 -45.07 -4.40 -1.26
C GLU B 430 -44.96 -5.41 -0.12
N TRP B 431 -45.17 -6.69 -0.42
CA TRP B 431 -45.16 -7.74 0.60
C TRP B 431 -44.00 -8.72 0.45
N LYS B 432 -43.00 -8.39 -0.37
CA LYS B 432 -41.82 -9.23 -0.48
C LYS B 432 -40.87 -8.96 0.68
N GLN B 433 -40.23 -10.03 1.17
CA GLN B 433 -39.33 -9.91 2.31
C GLN B 433 -38.20 -8.94 2.02
N SER B 434 -37.87 -8.12 3.01
CA SER B 434 -36.69 -7.27 2.92
C SER B 434 -35.43 -8.10 3.16
N THR B 435 -34.36 -7.77 2.44
CA THR B 435 -33.08 -8.45 2.57
C THR B 435 -32.11 -7.56 3.34
N GLY B 436 -31.49 -8.12 4.39
CA GLY B 436 -30.52 -7.39 5.17
C GLY B 436 -29.11 -7.55 4.61
N TRP B 437 -28.18 -6.84 5.25
CA TRP B 437 -26.77 -6.88 4.90
C TRP B 437 -25.99 -7.63 5.98
N ARG B 438 -25.12 -8.53 5.55
CA ARG B 438 -24.34 -9.32 6.51
C ARG B 438 -23.07 -8.59 6.98
N ASN B 439 -22.58 -7.63 6.19
CA ASN B 439 -21.39 -6.87 6.54
C ASN B 439 -21.74 -5.38 6.54
N TRP B 440 -21.34 -4.68 7.60
CA TRP B 440 -21.73 -3.28 7.75
C TRP B 440 -21.09 -2.37 6.71
N GLN B 441 -19.98 -2.79 6.10
CA GLN B 441 -19.33 -1.94 5.11
C GLN B 441 -20.12 -1.83 3.82
N ASP B 442 -21.05 -2.74 3.58
CA ASP B 442 -21.91 -2.70 2.40
C ASP B 442 -23.23 -1.98 2.66
N VAL B 443 -23.47 -1.54 3.88
CA VAL B 443 -24.75 -0.93 4.26
C VAL B 443 -24.83 0.48 3.70
N PRO B 444 -25.84 0.82 2.92
CA PRO B 444 -26.00 2.20 2.45
C PRO B 444 -26.59 3.09 3.54
N PHE B 445 -26.08 4.31 3.62
CA PHE B 445 -26.55 5.27 4.62
C PHE B 445 -26.10 6.67 4.20
N CYS B 446 -27.06 7.58 4.11
CA CYS B 446 -26.79 8.97 3.70
C CYS B 446 -26.08 9.00 2.35
N SER B 447 -26.55 8.15 1.42
CA SER B 447 -25.99 8.07 0.07
C SER B 447 -24.51 7.69 0.08
N HIS B 448 -24.11 6.89 1.07
CA HIS B 448 -22.71 6.49 1.20
C HIS B 448 -22.63 5.08 1.75
N HIS B 449 -21.50 4.43 1.47
CA HIS B 449 -21.08 3.22 2.15
C HIS B 449 -19.67 3.43 2.66
N PHE B 450 -19.33 2.75 3.75
CA PHE B 450 -18.09 3.03 4.48
C PHE B 450 -17.19 1.81 4.46
N HIS B 451 -15.91 2.04 4.14
CA HIS B 451 -14.90 0.99 4.06
C HIS B 451 -13.98 1.05 5.25
N GLU B 452 -13.59 -0.12 5.77
CA GLU B 452 -12.60 -0.22 6.82
C GLU B 452 -11.23 -0.45 6.19
N LEU B 453 -10.27 0.43 6.49
CA LEU B 453 -8.95 0.39 5.88
C LEU B 453 -7.88 0.37 6.97
N THR B 454 -6.75 -0.24 6.65
CA THR B 454 -5.60 -0.30 7.53
C THR B 454 -4.46 0.50 6.90
N MET B 455 -3.90 1.43 7.67
CA MET B 455 -2.84 2.31 7.19
C MET B 455 -1.50 1.56 7.17
N LYS B 456 -0.45 2.25 6.72
CA LYS B 456 0.87 1.64 6.70
C LYS B 456 1.36 1.32 8.10
N ASP B 457 1.10 2.22 9.05
CA ASP B 457 1.53 2.00 10.43
C ASP B 457 0.68 0.98 11.17
N GLY B 458 -0.37 0.45 10.54
CA GLY B 458 -1.20 -0.56 11.15
C GLY B 458 -2.48 -0.04 11.78
N ARG B 459 -2.59 1.27 11.98
CA ARG B 459 -3.83 1.85 12.50
C ARG B 459 -4.95 1.70 11.48
N GLN B 460 -6.16 1.45 11.98
CA GLN B 460 -7.33 1.25 11.13
C GLN B 460 -8.14 2.54 11.03
N ILE B 461 -8.82 2.69 9.89
CA ILE B 461 -9.62 3.87 9.62
C ILE B 461 -10.84 3.47 8.81
N VAL B 462 -11.99 4.03 9.16
CA VAL B 462 -13.24 3.84 8.44
C VAL B 462 -13.54 5.10 7.64
N VAL B 463 -13.76 4.95 6.35
CA VAL B 463 -13.81 6.09 5.43
C VAL B 463 -15.12 6.10 4.65
N PRO B 464 -15.67 7.26 4.32
CA PRO B 464 -16.88 7.30 3.50
C PRO B 464 -16.57 7.06 2.04
N CYS B 465 -17.56 6.52 1.33
CA CYS B 465 -17.37 6.18 -0.08
C CYS B 465 -18.72 6.05 -0.77
N ARG B 466 -18.72 6.35 -2.06
CA ARG B 466 -19.85 6.08 -2.93
C ARG B 466 -19.30 5.86 -4.33
N HIS B 467 -20.20 5.59 -5.28
CA HIS B 467 -19.76 5.39 -6.66
C HIS B 467 -19.12 6.67 -7.18
N GLN B 468 -17.99 6.50 -7.88
CA GLN B 468 -17.18 7.67 -8.26
C GLN B 468 -17.86 8.52 -9.32
N ASP B 469 -18.74 7.93 -10.13
CA ASP B 469 -19.41 8.70 -11.18
C ASP B 469 -20.33 9.76 -10.58
N GLU B 470 -20.89 9.52 -9.40
CA GLU B 470 -21.73 10.52 -8.76
C GLU B 470 -20.90 11.70 -8.25
N LEU B 471 -19.73 11.42 -7.67
CA LEU B 471 -18.90 12.48 -7.12
C LEU B 471 -18.37 13.40 -8.22
N ILE B 472 -17.88 12.81 -9.31
CA ILE B 472 -17.37 13.63 -10.41
C ILE B 472 -18.52 14.34 -11.12
N GLY B 473 -19.68 13.69 -11.23
CA GLY B 473 -20.81 14.32 -11.90
C GLY B 473 -21.26 15.60 -11.23
N ARG B 474 -21.32 15.60 -9.90
CA ARG B 474 -21.72 16.83 -9.19
C ARG B 474 -20.64 17.90 -9.28
N ALA B 475 -19.37 17.50 -9.32
CA ALA B 475 -18.29 18.47 -9.45
C ALA B 475 -18.30 19.14 -10.82
N ARG B 476 -18.76 18.44 -11.86
CA ARG B 476 -18.85 19.03 -13.18
C ARG B 476 -19.98 20.04 -13.31
N LEU B 477 -20.83 20.18 -12.29
CA LEU B 477 -21.94 21.11 -12.32
C LEU B 477 -21.61 22.35 -11.50
N SER B 478 -21.97 23.52 -12.05
CA SER B 478 -21.84 24.78 -11.34
C SER B 478 -23.18 25.52 -11.37
N PRO B 479 -23.54 26.21 -10.29
CA PRO B 479 -24.80 26.96 -10.30
C PRO B 479 -24.76 28.11 -11.29
N GLY B 480 -25.94 28.46 -11.81
CA GLY B 480 -26.05 29.54 -12.77
C GLY B 480 -25.76 30.91 -12.20
N SER B 481 -25.74 31.04 -10.87
CA SER B 481 -25.42 32.33 -10.25
C SER B 481 -24.01 32.77 -10.59
N GLY B 482 -23.05 31.84 -10.54
CA GLY B 482 -21.68 32.19 -10.84
C GLY B 482 -21.10 31.41 -12.00
N TRP B 483 -20.82 32.12 -13.10
CA TRP B 483 -20.21 31.51 -14.28
C TRP B 483 -18.83 32.06 -14.59
N SER B 484 -18.37 33.10 -13.89
CA SER B 484 -17.05 33.64 -14.13
C SER B 484 -15.99 32.60 -13.80
N LEU B 485 -14.88 32.66 -14.54
CA LEU B 485 -13.79 31.71 -14.32
C LEU B 485 -13.28 31.76 -12.89
N THR B 486 -13.29 32.95 -12.28
CA THR B 486 -12.88 33.06 -10.88
C THR B 486 -13.80 32.28 -9.97
N GLU B 487 -15.12 32.38 -10.19
CA GLU B 487 -16.08 31.67 -9.35
C GLU B 487 -16.01 30.17 -9.56
N THR B 488 -15.97 29.73 -10.83
CA THR B 488 -15.93 28.30 -11.11
C THR B 488 -14.62 27.66 -10.69
N ALA B 489 -13.53 28.44 -10.64
CA ALA B 489 -12.27 27.90 -10.14
C ALA B 489 -12.33 27.63 -8.64
N CYS B 490 -12.90 28.55 -7.88
CA CYS B 490 -12.99 28.36 -6.43
C CYS B 490 -13.97 27.25 -6.09
N LEU B 491 -15.06 27.11 -6.86
CA LEU B 491 -15.96 25.98 -6.67
C LEU B 491 -15.28 24.67 -7.02
N SER B 492 -14.53 24.64 -8.13
CA SER B 492 -13.79 23.43 -8.48
C SER B 492 -12.74 23.11 -7.42
N LYS B 493 -12.01 24.11 -6.93
CA LYS B 493 -11.10 23.89 -5.82
C LYS B 493 -11.85 23.42 -4.59
N ALA B 494 -13.08 23.90 -4.39
CA ALA B 494 -13.89 23.43 -3.28
C ALA B 494 -14.17 21.94 -3.38
N TYR B 495 -14.55 21.47 -4.58
CA TYR B 495 -14.77 20.04 -4.77
C TYR B 495 -13.49 19.25 -4.60
N GLY B 496 -12.37 19.80 -5.09
CA GLY B 496 -11.10 19.09 -4.99
C GLY B 496 -10.66 18.88 -3.54
N GLN B 497 -10.74 19.94 -2.74
CA GLN B 497 -10.31 19.82 -1.35
C GLN B 497 -11.25 18.93 -0.55
N MET B 498 -12.53 18.87 -0.92
CA MET B 498 -13.44 17.93 -0.26
C MET B 498 -13.03 16.50 -0.53
N TRP B 499 -12.62 16.19 -1.77
CA TRP B 499 -12.17 14.86 -2.10
C TRP B 499 -10.93 14.48 -1.30
N LEU B 500 -10.00 15.42 -1.13
CA LEU B 500 -8.79 15.14 -0.36
C LEU B 500 -9.12 14.78 1.09
N LEU B 501 -10.18 15.36 1.64
CA LEU B 501 -10.52 15.14 3.04
C LEU B 501 -11.42 13.92 3.25
N MET B 502 -12.35 13.68 2.33
CA MET B 502 -13.33 12.60 2.47
C MET B 502 -13.07 11.41 1.57
N TYR B 503 -12.61 11.63 0.34
CA TYR B 503 -12.46 10.58 -0.65
C TYR B 503 -11.00 10.43 -1.08
N PHE B 504 -10.09 10.61 -0.12
CA PHE B 504 -8.66 10.46 -0.38
C PHE B 504 -8.33 9.06 -0.87
N HIS B 505 -9.07 8.05 -0.41
CA HIS B 505 -8.81 6.66 -0.76
C HIS B 505 -9.14 6.34 -2.21
N ARG B 506 -9.80 7.24 -2.93
CA ARG B 506 -10.12 7.04 -4.34
C ARG B 506 -8.96 7.54 -5.18
N ARG B 507 -8.38 6.64 -5.99
CA ARG B 507 -7.18 6.98 -6.73
C ARG B 507 -7.45 8.06 -7.79
N ASP B 508 -8.59 7.95 -8.49
CA ASP B 508 -8.89 8.94 -9.53
C ASP B 508 -9.15 10.31 -8.93
N LEU B 509 -9.95 10.37 -7.87
CA LEU B 509 -10.28 11.66 -7.26
C LEU B 509 -9.05 12.32 -6.66
N ARG B 510 -8.21 11.54 -5.97
CA ARG B 510 -7.01 12.10 -5.36
C ARG B 510 -6.09 12.70 -6.40
N LEU B 511 -5.92 12.03 -7.54
CA LEU B 511 -5.13 12.60 -8.63
C LEU B 511 -5.81 13.83 -9.20
N MET B 512 -7.14 13.80 -9.34
CA MET B 512 -7.84 14.94 -9.92
C MET B 512 -7.92 16.10 -8.93
N ALA B 513 -8.05 15.80 -7.64
CA ALA B 513 -8.07 16.87 -6.65
C ALA B 513 -6.76 17.63 -6.63
N ASN B 514 -5.63 16.92 -6.70
CA ASN B 514 -4.34 17.58 -6.81
C ASN B 514 -4.23 18.36 -8.12
N ALA B 515 -4.80 17.80 -9.20
CA ALA B 515 -4.79 18.49 -10.48
C ALA B 515 -5.55 19.81 -10.39
N ILE B 516 -6.69 19.81 -9.72
CA ILE B 516 -7.45 21.05 -9.54
C ILE B 516 -6.66 22.04 -8.70
N CYS B 517 -6.13 21.57 -7.56
CA CYS B 517 -5.40 22.47 -6.67
C CYS B 517 -4.09 22.93 -7.30
N SER B 518 -3.53 22.15 -8.22
CA SER B 518 -2.35 22.62 -8.94
C SER B 518 -2.71 23.70 -9.95
N ALA B 519 -3.87 23.57 -10.60
CA ALA B 519 -4.29 24.56 -11.59
C ALA B 519 -4.82 25.82 -10.94
N VAL B 520 -5.54 25.69 -9.83
CA VAL B 520 -6.13 26.84 -9.14
C VAL B 520 -5.07 27.53 -8.30
N PRO B 521 -5.04 28.87 -8.26
CA PRO B 521 -4.07 29.57 -7.41
C PRO B 521 -4.21 29.20 -5.95
N VAL B 522 -3.06 29.17 -5.26
CA VAL B 522 -3.04 28.79 -3.86
C VAL B 522 -3.76 29.81 -2.99
N SER B 523 -3.60 31.10 -3.30
CA SER B 523 -4.17 32.15 -2.47
C SER B 523 -5.69 32.19 -2.52
N TRP B 524 -6.30 31.64 -3.57
CA TRP B 524 -7.73 31.75 -3.74
C TRP B 524 -8.48 30.87 -2.74
N VAL B 525 -9.48 31.44 -2.10
CA VAL B 525 -10.30 30.73 -1.11
C VAL B 525 -11.43 30.00 -1.82
N PRO B 526 -11.58 28.69 -1.66
CA PRO B 526 -12.70 27.98 -2.30
C PRO B 526 -14.04 28.49 -1.78
N THR B 527 -15.02 28.52 -2.67
CA THR B 527 -16.35 29.04 -2.37
C THR B 527 -17.40 28.07 -2.91
N GLY B 528 -18.66 28.39 -2.65
CA GLY B 528 -19.77 27.57 -3.10
C GLY B 528 -20.04 26.39 -2.18
N ARG B 529 -21.13 25.69 -2.46
CA ARG B 529 -21.50 24.52 -1.71
C ARG B 529 -21.20 23.27 -2.52
N THR B 530 -20.50 22.31 -1.91
CA THR B 530 -20.13 21.06 -2.56
C THR B 530 -21.04 19.90 -2.18
N THR B 531 -21.96 20.11 -1.24
CA THR B 531 -22.84 19.03 -0.80
C THR B 531 -24.11 19.63 -0.21
N TRP B 532 -25.24 18.99 -0.52
CA TRP B 532 -26.52 19.33 0.09
C TRP B 532 -26.74 18.58 1.39
N SER B 533 -25.88 17.63 1.73
CA SER B 533 -26.07 16.83 2.93
C SER B 533 -25.83 17.65 4.18
N ILE B 534 -26.64 17.41 5.21
CA ILE B 534 -26.46 18.09 6.48
C ILE B 534 -25.17 17.64 7.14
N HIS B 535 -24.70 16.43 6.83
CA HIS B 535 -23.51 15.89 7.47
C HIS B 535 -22.22 16.46 6.90
N GLY B 536 -22.26 17.08 5.72
CA GLY B 536 -21.08 17.74 5.20
C GLY B 536 -20.81 19.03 5.95
N LYS B 537 -19.78 19.02 6.78
CA LYS B 537 -19.49 20.16 7.67
C LYS B 537 -18.58 21.19 7.03
N GLY B 538 -18.08 20.94 5.83
CA GLY B 538 -17.28 21.93 5.13
C GLY B 538 -15.96 22.27 5.79
N GLU B 539 -15.31 21.27 6.40
CA GLU B 539 -13.96 21.48 6.91
C GLU B 539 -12.97 21.75 5.79
N TRP B 540 -13.31 21.37 4.56
CA TRP B 540 -12.47 21.59 3.39
C TRP B 540 -12.60 23.01 2.83
N MET B 541 -13.35 23.89 3.49
CA MET B 541 -13.59 25.23 3.00
C MET B 541 -12.55 26.23 3.48
N THR B 542 -11.35 25.75 3.80
CA THR B 542 -10.27 26.61 4.28
C THR B 542 -9.15 26.69 3.25
N THR B 543 -8.30 27.69 3.43
CA THR B 543 -7.08 27.82 2.65
C THR B 543 -5.89 27.11 3.32
N GLU B 544 -6.12 26.45 4.45
CA GLU B 544 -5.08 25.73 5.15
C GLU B 544 -4.67 24.47 4.37
N ASP B 545 -3.46 23.99 4.63
CA ASP B 545 -2.99 22.76 4.00
C ASP B 545 -3.88 21.60 4.40
N MET B 546 -4.32 20.83 3.39
CA MET B 546 -5.29 19.76 3.62
C MET B 546 -4.70 18.61 4.43
N LEU B 547 -3.38 18.42 4.40
CA LEU B 547 -2.78 17.38 5.23
C LEU B 547 -2.95 17.69 6.72
N ARG B 548 -2.82 18.96 7.10
CA ARG B 548 -3.08 19.35 8.48
C ARG B 548 -4.53 19.10 8.85
N VAL B 549 -5.47 19.45 7.95
CA VAL B 549 -6.88 19.20 8.21
C VAL B 549 -7.16 17.71 8.26
N TRP B 550 -6.51 16.93 7.40
CA TRP B 550 -6.69 15.48 7.40
C TRP B 550 -6.24 14.90 8.74
N ASN B 551 -5.09 15.33 9.25
CA ASN B 551 -4.64 14.87 10.55
C ASN B 551 -5.58 15.33 11.65
N ARG B 552 -6.15 16.53 11.52
CA ARG B 552 -7.12 17.01 12.49
C ARG B 552 -8.38 16.17 12.47
N VAL B 553 -8.95 15.97 11.28
CA VAL B 553 -10.23 15.28 11.18
C VAL B 553 -10.08 13.80 11.52
N TRP B 554 -9.06 13.14 10.96
CA TRP B 554 -8.97 11.70 11.02
C TRP B 554 -8.07 11.17 12.13
N ILE B 555 -7.33 12.03 12.83
CA ILE B 555 -6.47 11.57 13.92
C ILE B 555 -6.81 12.32 15.20
N GLU B 556 -6.68 13.65 15.18
CA GLU B 556 -6.88 14.44 16.39
C GLU B 556 -8.33 14.39 16.85
N GLU B 557 -9.27 14.65 15.93
CA GLU B 557 -10.69 14.68 16.26
C GLU B 557 -11.35 13.31 16.13
N ASN B 558 -10.60 12.27 15.77
CA ASN B 558 -11.15 10.93 15.60
C ASN B 558 -11.17 10.22 16.94
N GLU B 559 -12.36 10.08 17.52
CA GLU B 559 -12.48 9.40 18.81
C GLU B 559 -12.23 7.90 18.71
N HIS B 560 -12.25 7.34 17.51
CA HIS B 560 -11.93 5.93 17.31
C HIS B 560 -10.46 5.70 16.97
N MET B 561 -9.66 6.76 16.91
CA MET B 561 -8.23 6.67 16.62
C MET B 561 -7.48 6.88 17.94
N GLU B 562 -7.15 5.78 18.60
CA GLU B 562 -6.48 5.86 19.90
C GLU B 562 -5.09 6.48 19.77
N ASP B 563 -4.30 6.00 18.82
CA ASP B 563 -2.95 6.51 18.62
C ASP B 563 -3.01 7.83 17.86
N LYS B 564 -2.55 8.90 18.49
CA LYS B 564 -2.69 10.25 17.95
C LYS B 564 -1.47 10.70 17.16
N THR B 565 -0.55 9.80 16.85
CA THR B 565 0.64 10.20 16.10
C THR B 565 0.23 10.67 14.70
N PRO B 566 0.64 11.86 14.28
CA PRO B 566 0.16 12.40 13.01
C PRO B 566 0.82 11.74 11.81
N VAL B 567 0.17 11.92 10.66
CA VAL B 567 0.66 11.38 9.39
C VAL B 567 1.60 12.41 8.77
N SER B 568 2.78 11.96 8.38
CA SER B 568 3.83 12.87 7.95
C SER B 568 3.73 13.24 6.47
N SER B 569 3.28 12.31 5.63
CA SER B 569 3.23 12.56 4.19
C SER B 569 1.93 12.01 3.62
N TRP B 570 1.51 12.58 2.50
CA TRP B 570 0.25 12.19 1.87
C TRP B 570 0.25 10.72 1.45
N ASN B 571 1.42 10.18 1.08
CA ASN B 571 1.46 8.78 0.65
C ASN B 571 1.22 7.81 1.79
N ASP B 572 1.23 8.27 3.05
CA ASP B 572 0.84 7.45 4.18
C ASP B 572 -0.67 7.42 4.38
N VAL B 573 -1.43 8.20 3.59
CA VAL B 573 -2.89 8.17 3.63
C VAL B 573 -3.35 7.02 2.74
N PRO B 574 -4.13 6.07 3.27
CA PRO B 574 -4.41 4.84 2.53
C PRO B 574 -5.33 5.07 1.34
N TYR B 575 -5.23 4.15 0.38
CA TYR B 575 -6.20 4.01 -0.69
C TYR B 575 -7.12 2.83 -0.39
N LEU B 576 -8.22 2.75 -1.15
CA LEU B 576 -8.97 1.52 -1.21
C LEU B 576 -8.17 0.48 -1.98
N GLY B 577 -8.46 -0.79 -1.69
CA GLY B 577 -7.84 -1.85 -2.48
C GLY B 577 -8.22 -1.72 -3.94
N LYS B 578 -7.27 -2.06 -4.82
CA LYS B 578 -7.51 -1.94 -6.25
C LYS B 578 -8.77 -2.70 -6.67
N ARG B 579 -9.02 -3.85 -6.03
CA ARG B 579 -10.24 -4.60 -6.31
C ARG B 579 -11.47 -3.81 -5.87
N GLU B 580 -11.45 -3.25 -4.66
CA GLU B 580 -12.61 -2.52 -4.16
C GLU B 580 -12.74 -1.15 -4.78
N ASP B 581 -11.62 -0.48 -5.07
CA ASP B 581 -11.70 0.86 -5.66
C ASP B 581 -12.35 0.81 -7.03
N SER B 582 -11.97 -0.17 -7.86
CA SER B 582 -12.57 -0.30 -9.19
C SER B 582 -14.05 -0.68 -9.09
N TRP B 583 -14.41 -1.49 -8.08
CA TRP B 583 -15.80 -1.87 -7.90
C TRP B 583 -16.69 -0.65 -7.67
N CYS B 584 -16.15 0.39 -7.03
CA CYS B 584 -16.90 1.60 -6.74
C CYS B 584 -16.74 2.68 -7.82
N GLY B 585 -16.35 2.29 -9.04
CA GLY B 585 -16.36 3.18 -10.18
C GLY B 585 -15.01 3.75 -10.59
N SER B 586 -13.93 3.32 -9.97
CA SER B 586 -12.61 3.82 -10.37
C SER B 586 -12.27 3.33 -11.76
N LEU B 587 -11.60 4.19 -12.53
CA LEU B 587 -11.19 3.87 -13.90
C LEU B 587 -9.74 3.43 -13.99
N ILE B 588 -9.14 3.03 -12.87
CA ILE B 588 -7.76 2.55 -12.90
C ILE B 588 -7.68 1.30 -13.78
N GLY B 589 -6.54 1.17 -14.46
CA GLY B 589 -6.34 0.10 -15.41
C GLY B 589 -6.88 0.36 -16.80
N HIS B 590 -7.87 1.23 -16.94
CA HIS B 590 -8.38 1.58 -18.25
C HIS B 590 -7.36 2.41 -19.02
N ARG B 591 -7.31 2.19 -20.33
CA ARG B 591 -6.32 2.88 -21.16
C ARG B 591 -6.55 4.38 -21.16
N ALA B 592 -7.80 4.81 -21.21
CA ALA B 592 -8.10 6.25 -21.27
C ALA B 592 -7.60 6.97 -20.02
N ARG B 593 -7.82 6.39 -18.84
CA ARG B 593 -7.33 7.02 -17.62
C ARG B 593 -5.80 7.04 -17.57
N SER B 594 -5.16 5.95 -18.03
CA SER B 594 -3.71 5.92 -18.04
C SER B 594 -3.13 7.03 -18.91
N THR B 595 -3.73 7.26 -20.07
CA THR B 595 -3.36 8.43 -20.88
C THR B 595 -3.69 9.73 -20.15
N TRP B 596 -4.85 9.78 -19.50
CA TRP B 596 -5.27 11.00 -18.79
C TRP B 596 -4.32 11.32 -17.65
N ALA B 597 -3.91 10.31 -16.88
CA ALA B 597 -3.01 10.54 -15.76
C ALA B 597 -1.62 10.97 -16.25
N GLU B 598 -1.15 10.40 -17.36
CA GLU B 598 0.18 10.71 -17.85
C GLU B 598 0.29 12.19 -18.23
N ASN B 599 -0.71 12.71 -18.94
CA ASN B 599 -0.68 14.08 -19.46
C ASN B 599 -1.56 15.02 -18.64
N ILE B 600 -1.68 14.79 -17.33
CA ILE B 600 -2.52 15.65 -16.50
C ILE B 600 -1.94 17.06 -16.40
N TYR B 601 -0.65 17.23 -16.70
CA TYR B 601 -0.06 18.56 -16.66
C TYR B 601 -0.64 19.48 -17.74
N THR B 602 -1.03 18.91 -18.89
CA THR B 602 -1.57 19.75 -19.96
C THR B 602 -2.87 20.46 -19.57
N PRO B 603 -3.91 19.77 -19.07
CA PRO B 603 -5.11 20.51 -18.64
C PRO B 603 -4.85 21.46 -17.48
N ILE B 604 -3.90 21.11 -16.60
CA ILE B 604 -3.56 22.02 -15.50
C ILE B 604 -3.01 23.33 -16.04
N MET B 605 -2.09 23.25 -17.00
CA MET B 605 -1.46 24.45 -17.53
C MET B 605 -2.43 25.27 -18.38
N GLN B 606 -3.34 24.60 -19.10
CA GLN B 606 -4.34 25.35 -19.86
C GLN B 606 -5.23 26.17 -18.95
N ILE B 607 -5.62 25.61 -17.80
CA ILE B 607 -6.40 26.36 -16.83
C ILE B 607 -5.58 27.51 -16.26
N ARG B 608 -4.30 27.27 -15.98
CA ARG B 608 -3.44 28.33 -15.49
C ARG B 608 -3.33 29.47 -16.50
N GLY B 609 -3.18 29.13 -17.78
CA GLY B 609 -3.09 30.17 -18.80
C GLY B 609 -4.38 30.97 -18.93
N LEU B 610 -5.52 30.30 -18.86
CA LEU B 610 -6.80 30.99 -18.97
C LEU B 610 -7.06 31.85 -17.73
N ILE B 611 -6.70 31.35 -16.54
CA ILE B 611 -6.88 32.13 -15.32
C ILE B 611 -6.01 33.39 -15.36
N GLY B 612 -4.76 33.24 -15.77
CA GLY B 612 -3.85 34.37 -15.85
C GLY B 612 -2.72 34.29 -14.85
N PRO B 613 -1.86 35.31 -14.84
CA PRO B 613 -0.71 35.30 -13.92
C PRO B 613 -1.14 35.31 -12.46
N GLU B 614 -0.43 34.53 -11.65
CA GLU B 614 -0.68 34.38 -10.23
C GLU B 614 0.39 33.42 -9.69
N ARG B 615 0.42 33.27 -8.38
CA ARG B 615 1.28 32.29 -7.72
C ARG B 615 0.55 30.95 -7.64
N TYR B 616 1.25 29.88 -8.01
CA TYR B 616 0.68 28.54 -8.04
C TYR B 616 1.62 27.56 -7.34
N VAL B 617 1.07 26.40 -6.98
CA VAL B 617 1.85 25.30 -6.43
C VAL B 617 1.46 24.02 -7.15
N ASP B 618 2.47 23.23 -7.52
CA ASP B 618 2.26 21.96 -8.22
C ASP B 618 2.22 20.84 -7.19
N TYR B 619 1.04 20.27 -6.98
CA TYR B 619 0.87 19.18 -6.02
C TYR B 619 1.00 17.80 -6.65
N MET B 620 1.15 17.72 -7.97
CA MET B 620 1.25 16.42 -8.64
C MET B 620 2.43 15.57 -8.17
N PRO B 621 3.65 16.11 -8.00
CA PRO B 621 4.76 15.24 -7.55
C PRO B 621 4.54 14.61 -6.18
N THR B 622 3.62 15.14 -5.37
CA THR B 622 3.35 14.54 -4.07
C THR B 622 2.81 13.12 -4.21
N LEU B 623 2.17 12.81 -5.34
CA LEU B 623 1.72 11.44 -5.60
C LEU B 623 2.88 10.47 -5.70
N ASN B 624 4.10 10.95 -5.99
CA ASN B 624 5.28 10.12 -6.09
C ASN B 624 6.24 10.33 -4.93
N ARG B 625 5.71 10.76 -3.78
CA ARG B 625 6.53 11.04 -2.59
C ARG B 625 7.61 12.08 -2.90
N PHE B 626 7.19 13.19 -3.49
CA PHE B 626 8.10 14.28 -3.82
C PHE B 626 7.50 15.61 -3.35
N LYS B 627 8.37 16.52 -2.94
CA LYS B 627 7.93 17.80 -2.41
C LYS B 627 7.25 18.62 -3.50
N ALA B 628 6.14 19.27 -3.14
CA ALA B 628 5.46 20.15 -4.06
C ALA B 628 6.31 21.37 -4.37
N VAL B 629 6.29 21.80 -5.63
CA VAL B 629 7.13 22.90 -6.11
C VAL B 629 6.28 24.14 -6.30
N GLU B 630 6.72 25.25 -5.72
CA GLU B 630 6.08 26.54 -5.87
C GLU B 630 6.44 27.15 -7.22
N SER B 631 5.61 28.08 -7.69
CA SER B 631 5.85 28.71 -8.98
C SER B 631 5.13 30.04 -9.05
N TRP B 632 5.61 30.89 -9.94
CA TRP B 632 4.96 32.17 -10.25
C TRP B 632 4.82 32.29 -11.76
N SER B 633 3.67 32.80 -12.20
CA SER B 633 3.36 32.91 -13.62
C SER B 633 3.17 34.38 -13.99
N GLU B 634 3.69 34.75 -15.16
CA GLU B 634 3.54 36.10 -15.71
C GLU B 634 3.46 36.00 -17.23
N GLY B 635 3.64 37.12 -17.91
CA GLY B 635 3.57 37.10 -19.35
C GLY B 635 4.04 38.39 -19.98
N VAL B 636 3.77 38.49 -21.28
CA VAL B 636 4.11 39.65 -22.09
C VAL B 636 2.82 40.13 -22.76
N LEU B 637 2.90 41.27 -23.44
CA LEU B 637 1.82 41.88 -24.23
C LEU B 637 0.67 40.95 -24.59
#